data_5IZK
#
_entry.id   5IZK
#
_cell.length_a   58.691
_cell.length_b   96.861
_cell.length_c   125.408
_cell.angle_alpha   90.00
_cell.angle_beta   90.25
_cell.angle_gamma   90.00
#
_symmetry.space_group_name_H-M   'P 1 21 1'
#
loop_
_entity.id
_entity.type
_entity.pdbx_description
1 polymer 'Selenocysteine-specific elongation factor'
2 non-polymer "GUANOSINE-5'-DIPHOSPHATE"
3 water water
#
_entity_poly.entity_id   1
_entity_poly.type   'polypeptide(L)'
_entity_poly.pdbx_seq_one_letter_code
;MGSSHHHHHHSSGLVPRGSHMAGRRVNVNVGVLGHIDSGKTALARALSTTASTAAFDKQPQSRERGITLDLGFSCFSVPL
PARLRSSLPEFQAAPEAEPEPGEPLLQVTLVDCPGHASLIRTIIGGAQIIDLMMLVIDVTKGMQTQSAECLVIGQIACQK
LVVVLNKIDLLPEGKRQAAIDKMTKKMQKTLENTKFRGAPIIPVAAKPGGPEAPETEAPQGIPELIELLTSQISIPTRDP
SGPFLMSVDHCFSIKGQGTVMTGTILSGSISLGDSVEIPALKVVKKVKSMQMFHMPITSAMQGDRLGICVTQFDPKLLER
GLVCAPESLHTVHAALISVEKIPYFRGPLQTKAKFHITVGHETVMGRLMFFSPAPDNFDQEPILDSFNFSQEYLFQEQYL
SKDLTPAVTDNDEADKKAGQATEGHCPRQQWALVEFEKPVTCPRLCLVIGSRLDADIHTNTCRLAFHGILLHGLEDRNYA
DSFLPRLKVYKLKHKHGLVERAMDDYSVIGRSLFKKETNIQLFVGLKVHLSTGELGIIDSAFGQSGKFKIHIPGGLSPES
KKILTPALKKRARAGRGEATRQEESAERSEPSQHVVLSLTFKRYVFDTHKRMVQSP
;
_entity_poly.pdbx_strand_id   A,B
#
# COMPACT_ATOMS: atom_id res chain seq x y z
N ALA A 22 46.35 10.38 -18.26
CA ALA A 22 47.51 10.99 -18.90
C ALA A 22 48.62 11.21 -17.88
N GLY A 23 49.79 10.61 -18.14
CA GLY A 23 50.89 10.73 -17.19
C GLY A 23 51.27 12.18 -16.91
N ARG A 24 51.33 13.00 -17.96
CA ARG A 24 51.65 14.41 -17.82
C ARG A 24 50.36 15.23 -17.85
N ARG A 25 50.35 16.31 -17.07
CA ARG A 25 49.21 17.21 -17.04
C ARG A 25 47.97 16.55 -16.46
N VAL A 26 47.94 16.40 -15.13
CA VAL A 26 46.72 16.07 -14.39
C VAL A 26 46.12 17.37 -13.88
N ASN A 27 44.80 17.49 -13.97
CA ASN A 27 44.12 18.75 -13.64
C ASN A 27 43.16 18.56 -12.49
N VAL A 28 43.05 19.60 -11.66
CA VAL A 28 42.08 19.65 -10.56
C VAL A 28 41.56 21.07 -10.45
N ASN A 29 40.25 21.21 -10.27
CA ASN A 29 39.61 22.51 -10.21
C ASN A 29 39.53 23.01 -8.76
N VAL A 30 39.77 24.31 -8.59
CA VAL A 30 39.86 24.94 -7.27
C VAL A 30 38.91 26.14 -7.25
N GLY A 31 37.92 26.08 -6.38
CA GLY A 31 36.96 27.18 -6.25
C GLY A 31 37.45 28.30 -5.37
N VAL A 32 37.66 29.48 -5.97
CA VAL A 32 38.18 30.64 -5.25
C VAL A 32 37.01 31.48 -4.76
N LEU A 33 36.83 31.53 -3.43
CA LEU A 33 35.67 32.11 -2.78
C LEU A 33 36.04 33.36 -2.00
N GLY A 34 35.13 34.34 -2.00
CA GLY A 34 35.35 35.52 -1.18
C GLY A 34 34.32 36.59 -1.48
N HIS A 35 34.56 37.76 -0.89
CA HIS A 35 33.66 38.89 -0.96
C HIS A 35 33.85 39.67 -2.27
N ILE A 36 32.89 40.55 -2.56
CA ILE A 36 32.91 41.30 -3.81
C ILE A 36 34.13 42.20 -3.93
N ASP A 37 34.78 42.51 -2.81
CA ASP A 37 35.99 43.33 -2.82
C ASP A 37 37.09 42.70 -1.98
N SER A 38 37.15 41.36 -1.98
CA SER A 38 38.03 40.64 -1.07
C SER A 38 39.41 40.40 -1.65
N GLY A 39 39.60 40.56 -2.96
CA GLY A 39 40.86 40.23 -3.59
C GLY A 39 40.90 38.86 -4.20
N LYS A 40 39.76 38.22 -4.44
CA LYS A 40 39.76 36.89 -5.05
C LYS A 40 40.36 36.95 -6.45
N THR A 41 39.71 37.65 -7.38
CA THR A 41 40.24 37.78 -8.73
C THR A 41 41.69 38.23 -8.75
N ALA A 42 42.14 38.89 -7.69
CA ALA A 42 43.50 39.41 -7.67
C ALA A 42 44.52 38.34 -7.30
N LEU A 43 44.10 37.32 -6.54
CA LEU A 43 45.03 36.31 -6.09
C LEU A 43 45.35 35.29 -7.17
N ALA A 44 44.45 35.07 -8.11
CA ALA A 44 44.72 34.20 -9.24
C ALA A 44 46.01 34.61 -9.93
N ARG A 45 45.96 35.72 -10.68
CA ARG A 45 47.13 36.24 -11.38
C ARG A 45 48.37 36.14 -10.51
N ALA A 46 48.23 36.48 -9.23
CA ALA A 46 49.35 36.35 -8.31
C ALA A 46 49.85 34.92 -8.23
N LEU A 47 48.98 33.93 -8.45
CA LEU A 47 49.39 32.54 -8.45
C LEU A 47 49.85 32.10 -9.84
N SER A 48 49.01 32.32 -10.85
CA SER A 48 49.38 31.96 -12.21
C SER A 48 50.73 32.56 -12.60
N THR A 49 50.81 33.89 -12.54
CA THR A 49 52.04 34.59 -12.89
C THR A 49 53.27 33.89 -12.30
N THR A 50 53.23 33.63 -10.99
CA THR A 50 54.32 32.93 -10.32
C THR A 50 54.17 31.42 -10.49
N ALA A 51 53.68 30.98 -11.65
CA ALA A 51 53.38 29.57 -11.90
C ALA A 51 54.55 28.66 -11.61
N SER A 52 55.51 28.62 -12.53
CA SER A 52 56.80 27.98 -12.30
C SER A 52 57.95 28.92 -12.64
N THR A 53 57.70 30.23 -12.59
CA THR A 53 58.66 31.25 -12.98
C THR A 53 58.25 32.60 -12.40
N GLY A 72 40.08 33.52 -19.85
CA GLY A 72 39.07 32.70 -19.21
C GLY A 72 39.38 32.44 -17.74
N PHE A 73 40.21 31.43 -17.50
CA PHE A 73 40.64 31.09 -16.15
C PHE A 73 42.17 31.00 -16.11
N SER A 74 42.71 31.20 -14.92
CA SER A 74 44.14 31.09 -14.69
C SER A 74 44.48 29.76 -14.05
N CYS A 75 45.77 29.51 -13.93
CA CYS A 75 46.25 28.24 -13.39
C CYS A 75 47.76 28.23 -13.27
N PHE A 76 48.31 27.13 -12.77
CA PHE A 76 49.76 26.96 -12.74
C PHE A 76 50.05 25.47 -12.81
N SER A 77 51.34 25.14 -12.77
CA SER A 77 51.79 23.75 -12.88
C SER A 77 52.73 23.43 -11.74
N VAL A 78 53.02 22.15 -11.59
CA VAL A 78 53.89 21.65 -10.54
C VAL A 78 53.96 20.13 -10.64
N PRO A 79 55.07 19.51 -10.25
CA PRO A 79 55.13 18.04 -10.24
C PRO A 79 54.20 17.45 -9.18
N LEU A 80 54.18 16.12 -9.08
CA LEU A 80 53.34 15.45 -8.10
C LEU A 80 53.96 14.13 -7.65
N PRO A 81 54.21 14.03 -6.29
CA PRO A 81 54.82 12.75 -5.88
C PRO A 81 53.77 11.79 -5.32
N ALA A 82 52.73 11.52 -6.11
CA ALA A 82 51.67 10.61 -5.68
C ALA A 82 52.26 9.34 -5.05
N LEU A 105 53.39 16.31 -14.78
CA LEU A 105 53.00 17.66 -14.43
C LEU A 105 51.70 17.68 -13.62
N LEU A 106 51.25 18.88 -13.26
CA LEU A 106 49.98 19.04 -12.52
C LEU A 106 49.55 20.49 -12.64
N GLN A 107 48.34 20.72 -13.13
CA GLN A 107 47.79 22.07 -13.29
C GLN A 107 46.48 22.19 -12.52
N VAL A 108 46.24 23.37 -11.97
CA VAL A 108 45.05 23.63 -11.17
C VAL A 108 44.40 24.92 -11.66
N THR A 109 43.26 24.79 -12.34
CA THR A 109 42.52 25.96 -12.79
C THR A 109 41.85 26.61 -11.58
N LEU A 110 42.11 27.90 -11.38
CA LEU A 110 41.50 28.64 -10.28
C LEU A 110 40.13 29.12 -10.72
N VAL A 111 39.09 28.37 -10.36
CA VAL A 111 37.73 28.81 -10.66
C VAL A 111 37.53 30.20 -10.07
N ASP A 112 36.86 31.06 -10.84
CA ASP A 112 36.63 32.44 -10.41
C ASP A 112 35.44 32.96 -11.19
N CYS A 113 35.29 34.28 -11.25
CA CYS A 113 34.14 34.85 -11.93
C CYS A 113 34.11 36.37 -11.76
N PRO A 114 33.15 37.06 -12.38
CA PRO A 114 33.08 38.51 -12.17
C PRO A 114 32.71 38.87 -10.75
N GLY A 115 31.68 38.21 -10.23
CA GLY A 115 31.21 38.56 -8.92
C GLY A 115 30.86 37.46 -8.00
N HIS A 116 29.61 37.40 -7.60
CA HIS A 116 29.16 36.41 -6.67
C HIS A 116 28.19 35.50 -7.33
N ALA A 117 26.99 36.03 -7.58
CA ALA A 117 25.91 35.30 -8.21
C ALA A 117 26.47 34.49 -9.33
N SER A 118 27.29 35.10 -10.16
CA SER A 118 27.92 34.24 -11.15
C SER A 118 28.74 33.14 -10.50
N LEU A 119 29.65 33.51 -9.58
CA LEU A 119 30.52 32.52 -8.96
C LEU A 119 29.74 31.45 -8.22
N ILE A 120 28.50 31.71 -7.84
CA ILE A 120 27.70 30.69 -7.18
C ILE A 120 27.19 29.72 -8.24
N ARG A 121 26.29 30.21 -9.09
CA ARG A 121 25.77 29.41 -10.19
C ARG A 121 26.89 28.68 -10.90
N THR A 122 28.10 29.25 -10.89
CA THR A 122 29.26 28.60 -11.49
C THR A 122 29.81 27.49 -10.62
N ILE A 123 29.51 27.47 -9.32
CA ILE A 123 30.07 26.44 -8.45
C ILE A 123 29.05 25.35 -8.17
N ILE A 124 27.76 25.69 -8.21
CA ILE A 124 26.73 24.70 -7.93
C ILE A 124 26.80 23.62 -9.01
N GLY A 125 26.31 23.94 -10.21
CA GLY A 125 26.34 22.98 -11.29
C GLY A 125 27.72 22.42 -11.58
N GLY A 126 28.77 23.11 -11.14
CA GLY A 126 30.12 22.60 -11.27
C GLY A 126 30.58 21.71 -10.15
N ALA A 127 29.81 21.62 -9.06
CA ALA A 127 30.23 20.93 -7.85
C ALA A 127 30.99 19.64 -8.15
N GLN A 128 30.39 18.74 -8.94
CA GLN A 128 30.99 17.44 -9.19
C GLN A 128 32.40 17.53 -9.76
N ILE A 129 32.85 18.72 -10.15
CA ILE A 129 34.20 18.93 -10.64
C ILE A 129 35.02 19.84 -9.74
N ILE A 130 34.43 20.38 -8.67
CA ILE A 130 35.17 21.21 -7.73
C ILE A 130 35.87 20.30 -6.74
N ASP A 131 37.20 20.33 -6.75
CA ASP A 131 37.99 19.44 -5.92
C ASP A 131 38.34 20.03 -4.56
N LEU A 132 38.34 21.34 -4.43
CA LEU A 132 38.74 21.96 -3.16
C LEU A 132 38.47 23.45 -3.22
N MET A 133 38.18 24.03 -2.06
CA MET A 133 37.75 25.42 -1.94
C MET A 133 38.79 26.20 -1.15
N MET A 134 39.28 27.29 -1.72
CA MET A 134 40.14 28.24 -1.03
C MET A 134 39.32 29.45 -0.61
N LEU A 135 39.55 29.96 0.59
CA LEU A 135 38.79 31.07 1.13
C LEU A 135 39.68 32.31 1.29
N VAL A 136 39.42 33.34 0.47
CA VAL A 136 40.16 34.60 0.56
C VAL A 136 39.50 35.51 1.59
N ILE A 137 40.32 36.21 2.35
CA ILE A 137 39.87 37.11 3.41
C ILE A 137 40.75 38.35 3.42
N ASP A 138 40.12 39.53 3.48
CA ASP A 138 40.85 40.77 3.70
C ASP A 138 41.14 40.92 5.19
N VAL A 139 42.43 40.93 5.55
CA VAL A 139 42.83 40.93 6.96
C VAL A 139 42.58 42.29 7.60
N THR A 140 41.58 43.02 7.11
CA THR A 140 41.16 44.24 7.79
C THR A 140 39.66 44.17 8.07
N LYS A 141 38.87 43.93 7.03
CA LYS A 141 37.42 43.91 7.19
C LYS A 141 36.95 42.71 8.00
N GLY A 142 37.73 41.64 8.05
CA GLY A 142 37.33 40.46 8.80
C GLY A 142 36.71 39.39 7.92
N MET A 143 35.50 38.96 8.26
CA MET A 143 34.76 37.96 7.49
C MET A 143 33.46 38.59 7.01
N GLN A 144 33.54 39.33 5.89
CA GLN A 144 32.41 40.09 5.38
C GLN A 144 31.21 39.22 5.03
N THR A 145 30.11 39.85 4.64
CA THR A 145 28.85 39.16 4.36
C THR A 145 29.02 37.98 3.41
N GLN A 146 29.28 38.27 2.13
CA GLN A 146 29.40 37.20 1.15
C GLN A 146 30.37 36.12 1.61
N SER A 147 31.43 36.50 2.33
CA SER A 147 32.44 35.55 2.76
C SER A 147 31.87 34.47 3.67
N ALA A 148 30.57 34.55 3.96
CA ALA A 148 29.89 33.56 4.78
C ALA A 148 29.04 32.60 3.97
N GLU A 149 28.12 33.11 3.15
CA GLU A 149 27.40 32.26 2.21
C GLU A 149 28.37 31.37 1.44
N CYS A 150 29.41 31.99 0.85
CA CYS A 150 30.43 31.24 0.13
C CYS A 150 30.99 30.07 0.94
N LEU A 151 30.91 30.14 2.26
CA LEU A 151 31.53 29.10 3.09
C LEU A 151 30.65 27.88 3.28
N VAL A 152 29.34 27.99 3.03
CA VAL A 152 28.46 26.83 3.21
C VAL A 152 28.28 26.12 1.88
N ILE A 153 27.83 26.84 0.86
CA ILE A 153 27.76 26.30 -0.49
C ILE A 153 29.00 25.47 -0.73
N GLY A 154 30.17 26.04 -0.42
CA GLY A 154 31.40 25.27 -0.42
C GLY A 154 31.23 23.95 0.30
N GLN A 155 30.78 23.99 1.56
CA GLN A 155 30.59 22.77 2.33
C GLN A 155 29.71 21.77 1.60
N ILE A 156 28.74 22.27 0.83
CA ILE A 156 27.86 21.39 0.07
C ILE A 156 28.63 20.70 -1.04
N ALA A 157 29.36 21.48 -1.83
CA ALA A 157 30.06 20.97 -3.00
C ALA A 157 31.33 20.22 -2.61
N CYS A 158 32.37 20.96 -2.26
CA CYS A 158 33.65 20.33 -2.00
C CYS A 158 33.60 19.49 -0.72
N GLN A 159 34.75 18.92 -0.39
CA GLN A 159 34.94 18.18 0.84
C GLN A 159 36.09 18.71 1.69
N LYS A 160 36.80 19.69 1.14
CA LYS A 160 37.88 20.34 1.87
C LYS A 160 38.08 21.77 1.48
N LEU A 161 38.85 22.51 2.26
CA LEU A 161 39.02 23.92 1.97
C LEU A 161 40.31 24.41 2.60
N VAL A 162 40.74 25.59 2.14
CA VAL A 162 41.91 26.29 2.64
C VAL A 162 41.55 27.76 2.77
N VAL A 163 41.85 28.36 3.92
CA VAL A 163 41.50 29.75 4.21
C VAL A 163 42.78 30.57 4.20
N VAL A 164 42.79 31.65 3.40
CA VAL A 164 43.94 32.52 3.31
C VAL A 164 43.52 33.94 3.62
N LEU A 165 44.37 34.63 4.37
CA LEU A 165 44.14 36.01 4.79
C LEU A 165 44.83 36.92 3.80
N ASN A 166 44.05 37.50 2.88
CA ASN A 166 44.56 38.36 1.84
C ASN A 166 44.74 39.79 2.37
N LYS A 167 45.54 40.57 1.64
CA LYS A 167 45.83 41.96 2.02
C LYS A 167 46.62 42.00 3.33
N ILE A 168 47.59 41.10 3.47
CA ILE A 168 48.41 41.07 4.68
C ILE A 168 49.47 42.15 4.58
N ASP A 169 49.12 43.28 3.96
CA ASP A 169 49.98 44.44 3.91
C ASP A 169 49.38 45.66 4.57
N LEU A 170 48.08 45.66 4.87
CA LEU A 170 47.43 46.77 5.54
C LEU A 170 47.67 46.77 7.05
N LEU A 171 48.26 45.71 7.60
CA LEU A 171 48.56 45.70 9.02
C LEU A 171 49.93 46.32 9.26
N PRO A 172 50.06 47.22 10.24
CA PRO A 172 51.40 47.70 10.61
C PRO A 172 52.23 46.55 11.15
N GLU A 173 53.52 46.52 10.77
CA GLU A 173 54.37 45.42 11.18
CA GLU A 173 54.37 45.42 11.18
C GLU A 173 54.31 45.20 12.69
N GLY A 174 54.17 46.26 13.46
CA GLY A 174 54.11 46.11 14.91
C GLY A 174 52.95 45.24 15.35
N LYS A 175 51.73 45.59 14.91
CA LYS A 175 50.52 44.97 15.40
C LYS A 175 49.95 43.92 14.43
N ARG A 176 50.77 43.38 13.54
CA ARG A 176 50.25 42.48 12.49
C ARG A 176 50.31 41.02 12.93
N GLN A 177 51.52 40.46 13.06
CA GLN A 177 51.66 39.05 13.38
C GLN A 177 50.73 38.65 14.52
N ALA A 178 50.50 39.55 15.48
CA ALA A 178 49.63 39.27 16.60
C ALA A 178 48.19 39.70 16.37
N ALA A 179 47.94 40.53 15.36
CA ALA A 179 46.57 40.77 14.91
C ALA A 179 46.12 39.72 13.90
N ILE A 180 47.03 39.22 13.07
CA ILE A 180 46.71 38.07 12.23
C ILE A 180 46.09 36.97 13.07
N ASP A 181 46.79 36.59 14.15
CA ASP A 181 46.30 35.51 15.01
C ASP A 181 44.88 35.75 15.50
N LYS A 182 44.47 37.02 15.61
CA LYS A 182 43.10 37.31 16.01
C LYS A 182 42.12 36.56 15.11
N MET A 183 42.26 36.71 13.79
CA MET A 183 41.37 36.02 12.87
C MET A 183 41.68 34.53 12.82
N THR A 184 42.97 34.19 12.67
CA THR A 184 43.37 32.78 12.69
C THR A 184 42.70 32.04 13.84
N LYS A 185 42.61 32.68 15.00
CA LYS A 185 41.81 32.11 16.09
C LYS A 185 40.33 32.12 15.74
N LYS A 186 39.80 33.28 15.35
CA LYS A 186 38.37 33.38 15.06
C LYS A 186 37.97 32.40 13.96
N MET A 187 38.73 32.37 12.86
CA MET A 187 38.40 31.45 11.77
C MET A 187 38.40 30.01 12.26
N GLN A 188 39.51 29.57 12.87
CA GLN A 188 39.58 28.23 13.45
C GLN A 188 38.32 27.93 14.24
N LYS A 189 38.09 28.69 15.32
CA LYS A 189 36.89 28.49 16.11
C LYS A 189 35.64 28.51 15.24
N THR A 190 35.55 29.49 14.34
CA THR A 190 34.40 29.58 13.45
C THR A 190 34.17 28.26 12.71
N LEU A 191 35.22 27.72 12.10
CA LEU A 191 35.08 26.49 11.33
C LEU A 191 34.73 25.29 12.20
N GLU A 192 34.81 25.41 13.53
CA GLU A 192 34.54 24.27 14.39
C GLU A 192 33.16 23.66 14.10
N ASN A 193 32.20 24.48 13.69
CA ASN A 193 30.84 24.04 13.40
C ASN A 193 30.62 23.84 11.91
N THR A 194 31.60 23.29 11.21
CA THR A 194 31.54 23.16 9.76
C THR A 194 32.38 21.99 9.30
N LYS A 195 31.92 21.32 8.24
CA LYS A 195 32.64 20.17 7.69
C LYS A 195 34.04 20.54 7.24
N PHE A 196 34.29 21.81 6.94
CA PHE A 196 35.64 22.29 6.66
C PHE A 196 36.35 22.55 7.99
N ARG A 197 36.03 21.75 9.00
CA ARG A 197 36.38 22.08 10.38
C ARG A 197 37.87 22.30 10.58
N GLY A 198 38.72 21.69 9.77
CA GLY A 198 40.15 21.77 10.03
C GLY A 198 40.95 22.65 9.08
N ALA A 199 40.28 23.28 8.12
CA ALA A 199 40.90 24.05 7.06
C ALA A 199 42.16 24.78 7.53
N PRO A 200 43.29 24.58 6.88
CA PRO A 200 44.49 25.33 7.23
C PRO A 200 44.37 26.79 6.81
N ILE A 201 45.18 27.63 7.44
CA ILE A 201 45.13 29.07 7.23
C ILE A 201 46.50 29.56 6.78
N ILE A 202 46.49 30.51 5.85
CA ILE A 202 47.71 31.09 5.29
C ILE A 202 47.57 32.60 5.24
N PRO A 203 48.35 33.34 6.03
CA PRO A 203 48.40 34.79 5.83
C PRO A 203 49.20 35.12 4.59
N VAL A 204 48.69 36.05 3.78
CA VAL A 204 49.32 36.34 2.49
C VAL A 204 48.84 37.69 1.99
N ALA A 205 49.76 38.44 1.40
CA ALA A 205 49.47 39.73 0.77
C ALA A 205 49.93 39.67 -0.67
N ALA A 206 48.98 39.78 -1.59
CA ALA A 206 49.25 39.52 -3.00
C ALA A 206 49.74 40.76 -3.75
N LYS A 207 49.11 41.91 -3.52
CA LYS A 207 49.50 43.17 -4.18
C LYS A 207 49.74 44.18 -3.08
N PRO A 208 50.97 44.26 -2.56
CA PRO A 208 51.22 45.02 -1.33
C PRO A 208 50.92 46.52 -1.38
N GLY A 209 50.46 47.05 -2.50
CA GLY A 209 50.24 48.48 -2.58
C GLY A 209 48.78 48.91 -2.65
N GLY A 210 47.98 48.16 -3.40
CA GLY A 210 46.63 48.55 -3.72
C GLY A 210 46.37 48.38 -5.20
N PRO A 211 45.56 49.27 -5.78
CA PRO A 211 45.25 49.16 -7.21
C PRO A 211 46.45 49.43 -8.11
N GLU A 212 46.97 50.66 -8.08
CA GLU A 212 48.08 51.03 -8.95
C GLU A 212 49.43 50.69 -8.31
N ALA A 213 49.68 51.22 -7.12
CA ALA A 213 50.94 51.00 -6.40
C ALA A 213 51.46 49.57 -6.56
N PRO A 219 54.04 40.44 -4.44
CA PRO A 219 53.52 39.23 -3.81
C PRO A 219 54.26 38.89 -2.52
N GLN A 220 53.52 38.48 -1.49
CA GLN A 220 54.08 38.08 -0.21
C GLN A 220 53.73 36.61 0.01
N GLY A 221 54.71 35.82 0.43
CA GLY A 221 54.50 34.42 0.72
C GLY A 221 53.53 33.72 -0.21
N ILE A 222 53.83 33.75 -1.51
CA ILE A 222 52.99 33.08 -2.50
C ILE A 222 53.45 31.63 -2.65
N PRO A 223 54.73 31.37 -2.95
CA PRO A 223 55.18 29.98 -3.00
C PRO A 223 54.75 29.17 -1.80
N GLU A 224 54.70 29.79 -0.63
CA GLU A 224 54.14 29.13 0.54
C GLU A 224 52.70 28.71 0.30
N LEU A 225 51.88 29.62 -0.21
CA LEU A 225 50.50 29.29 -0.51
C LEU A 225 50.40 28.17 -1.55
N ILE A 226 51.40 28.04 -2.42
CA ILE A 226 51.38 26.95 -3.39
C ILE A 226 51.70 25.63 -2.72
N GLU A 227 52.66 25.63 -1.79
CA GLU A 227 52.99 24.40 -1.07
C GLU A 227 51.74 23.79 -0.46
N LEU A 228 50.98 24.59 0.29
CA LEU A 228 49.73 24.09 0.86
C LEU A 228 48.78 23.63 -0.24
N LEU A 229 48.40 24.55 -1.14
CA LEU A 229 47.45 24.27 -2.20
C LEU A 229 47.60 22.85 -2.77
N THR A 230 48.83 22.43 -3.05
CA THR A 230 49.05 21.09 -3.56
C THR A 230 48.80 20.04 -2.48
N SER A 231 49.14 20.36 -1.23
CA SER A 231 49.02 19.40 -0.14
C SER A 231 47.58 18.89 -0.04
N GLN A 232 46.63 19.78 0.15
CA GLN A 232 45.24 19.37 0.16
C GLN A 232 44.70 19.02 -1.23
N ILE A 233 45.46 19.35 -2.28
CA ILE A 233 45.03 19.10 -3.65
C ILE A 233 45.16 17.62 -3.95
N SER A 234 45.55 16.80 -2.98
CA SER A 234 45.66 15.37 -3.23
C SER A 234 44.26 14.74 -3.35
N ILE A 235 44.21 13.47 -3.73
CA ILE A 235 42.97 12.68 -3.87
C ILE A 235 41.81 13.01 -4.83
N PRO A 236 41.99 12.65 -6.16
CA PRO A 236 40.85 12.95 -7.03
C PRO A 236 40.24 11.67 -7.62
N THR A 237 39.11 11.79 -8.33
CA THR A 237 38.48 10.64 -8.96
C THR A 237 37.58 11.28 -9.96
N ARG A 238 37.50 10.69 -11.15
CA ARG A 238 36.69 11.21 -12.24
C ARG A 238 36.15 10.06 -13.08
N ASP A 239 34.90 10.19 -13.54
CA ASP A 239 34.24 9.15 -14.31
C ASP A 239 33.76 9.71 -15.64
N PRO A 240 34.12 9.08 -16.76
CA PRO A 240 33.71 9.56 -18.08
C PRO A 240 32.44 8.94 -18.63
N SER A 241 31.77 8.08 -17.85
CA SER A 241 30.63 7.32 -18.36
C SER A 241 29.35 8.13 -18.49
N GLY A 242 29.28 9.29 -17.84
CA GLY A 242 28.07 10.06 -17.83
C GLY A 242 27.79 10.70 -19.18
N PRO A 243 26.70 11.47 -19.24
CA PRO A 243 26.46 12.31 -20.41
C PRO A 243 27.37 13.52 -20.43
N PHE A 244 27.76 13.92 -21.64
CA PHE A 244 28.71 15.02 -21.76
C PHE A 244 28.12 16.30 -21.21
N LEU A 245 28.97 17.09 -20.55
CA LEU A 245 28.61 18.42 -20.09
C LEU A 245 29.89 19.24 -19.98
N MET A 246 29.88 20.43 -20.57
CA MET A 246 31.03 21.33 -20.55
C MET A 246 30.54 22.73 -20.24
N SER A 247 31.25 23.41 -19.32
CA SER A 247 30.85 24.73 -18.84
C SER A 247 31.70 25.78 -19.55
N VAL A 248 31.10 26.48 -20.51
CA VAL A 248 31.86 27.39 -21.37
C VAL A 248 32.27 28.63 -20.58
N ASP A 249 33.55 28.98 -20.66
CA ASP A 249 34.06 30.21 -20.10
C ASP A 249 34.81 31.07 -21.12
N HIS A 250 35.06 30.56 -22.33
CA HIS A 250 35.72 31.30 -23.39
C HIS A 250 35.07 30.96 -24.71
N CYS A 251 34.84 31.97 -25.54
CA CYS A 251 34.19 31.78 -26.83
C CYS A 251 34.76 32.70 -27.90
N THR A 259 34.73 29.40 -34.75
CA THR A 259 34.58 29.86 -33.37
C THR A 259 35.11 28.81 -32.40
N VAL A 260 35.79 29.28 -31.35
CA VAL A 260 36.39 28.38 -30.37
C VAL A 260 35.52 28.36 -29.12
N MET A 261 35.72 27.33 -28.31
CA MET A 261 34.97 27.18 -27.06
C MET A 261 35.88 26.54 -26.03
N THR A 262 36.18 27.27 -24.96
CA THR A 262 37.09 26.83 -23.90
C THR A 262 36.30 26.75 -22.61
N GLY A 263 36.24 25.54 -22.03
CA GLY A 263 35.53 25.35 -20.79
C GLY A 263 36.06 24.18 -19.99
N THR A 264 35.24 23.65 -19.09
CA THR A 264 35.61 22.50 -18.28
C THR A 264 34.55 21.42 -18.44
N ILE A 265 34.99 20.17 -18.43
CA ILE A 265 34.10 19.04 -18.65
C ILE A 265 33.49 18.64 -17.32
N LEU A 266 32.16 18.72 -17.24
CA LEU A 266 31.47 18.42 -16.00
C LEU A 266 30.99 16.98 -15.92
N SER A 267 30.53 16.42 -17.04
CA SER A 267 30.09 15.04 -17.07
C SER A 267 30.39 14.43 -18.43
N GLY A 268 30.85 13.20 -18.43
CA GLY A 268 30.97 12.41 -19.64
C GLY A 268 32.38 12.36 -20.22
N SER A 269 32.43 11.98 -21.50
CA SER A 269 33.67 11.85 -22.24
C SER A 269 33.48 12.43 -23.64
N ILE A 270 34.58 12.55 -24.38
CA ILE A 270 34.54 13.15 -25.72
C ILE A 270 35.35 12.33 -26.71
N SER A 271 35.50 12.87 -27.92
CA SER A 271 36.31 12.29 -29.00
C SER A 271 36.10 13.12 -30.26
N LEU A 272 37.12 13.20 -31.12
CA LEU A 272 36.98 13.93 -32.36
C LEU A 272 35.83 13.36 -33.19
N GLY A 273 35.17 14.23 -33.95
CA GLY A 273 34.01 13.84 -34.73
C GLY A 273 32.72 13.75 -33.96
N ASP A 274 32.76 13.90 -32.65
CA ASP A 274 31.56 13.86 -31.82
C ASP A 274 30.64 15.03 -32.13
N SER A 275 29.39 14.90 -31.71
CA SER A 275 28.38 15.93 -31.89
C SER A 275 28.10 16.62 -30.57
N VAL A 276 27.95 17.95 -30.62
CA VAL A 276 27.73 18.75 -29.43
C VAL A 276 26.50 19.63 -29.66
N GLU A 277 25.77 19.88 -28.58
CA GLU A 277 24.58 20.70 -28.62
C GLU A 277 24.83 22.04 -27.92
N ILE A 278 24.16 23.08 -28.39
CA ILE A 278 24.23 24.38 -27.73
C ILE A 278 22.80 24.85 -27.49
N PRO A 279 22.19 24.49 -26.36
CA PRO A 279 20.78 24.85 -26.14
C PRO A 279 20.54 26.36 -26.12
N ALA A 280 21.56 27.16 -25.83
CA ALA A 280 21.40 28.61 -25.90
C ALA A 280 21.09 29.04 -27.33
N LEU A 281 21.82 28.49 -28.32
CA LEU A 281 21.60 28.82 -29.71
C LEU A 281 20.65 27.87 -30.42
N LYS A 282 20.25 26.77 -29.78
CA LYS A 282 19.35 25.82 -30.42
C LYS A 282 20.00 25.20 -31.64
N VAL A 283 20.94 24.28 -31.44
CA VAL A 283 21.58 23.58 -32.55
C VAL A 283 22.62 22.59 -32.03
N VAL A 284 23.02 21.67 -32.90
CA VAL A 284 24.11 20.73 -32.62
C VAL A 284 25.21 20.97 -33.64
N LYS A 285 26.42 21.24 -33.15
CA LYS A 285 27.59 21.41 -34.00
C LYS A 285 28.49 20.19 -33.88
N LYS A 286 29.51 20.14 -34.73
CA LYS A 286 30.46 19.04 -34.72
C LYS A 286 31.84 19.53 -34.29
N VAL A 287 32.60 18.63 -33.65
CA VAL A 287 33.89 18.97 -33.06
C VAL A 287 34.93 18.79 -34.16
N LYS A 288 35.21 19.86 -34.90
CA LYS A 288 36.26 19.83 -35.91
C LYS A 288 37.58 19.40 -35.27
N SER A 289 37.94 20.02 -34.15
CA SER A 289 39.16 19.68 -33.46
C SER A 289 39.14 20.32 -32.08
N MET A 290 40.06 19.87 -31.23
CA MET A 290 40.25 20.42 -29.89
C MET A 290 41.73 20.54 -29.63
N GLN A 291 42.10 21.48 -28.77
CA GLN A 291 43.51 21.74 -28.48
C GLN A 291 43.64 22.27 -27.06
N MET A 292 44.39 21.54 -26.23
CA MET A 292 44.68 21.96 -24.86
C MET A 292 46.17 21.87 -24.57
N PHE A 293 46.81 23.01 -24.32
CA PHE A 293 48.27 23.11 -24.12
C PHE A 293 48.88 22.52 -25.40
N HIS A 294 49.81 21.60 -25.29
CA HIS A 294 50.28 21.09 -26.55
C HIS A 294 49.14 20.47 -27.31
N MET A 295 48.90 20.92 -28.53
CA MET A 295 47.77 20.43 -29.37
C MET A 295 47.13 19.05 -29.37
N PRO A 296 47.83 17.95 -29.07
CA PRO A 296 47.18 16.64 -29.14
C PRO A 296 45.86 16.62 -28.38
N ILE A 297 44.92 15.87 -28.91
CA ILE A 297 43.59 15.74 -28.31
C ILE A 297 42.87 14.72 -29.18
N THR A 298 42.46 13.61 -28.58
CA THR A 298 41.56 12.67 -29.22
C THR A 298 40.27 12.61 -28.41
N SER A 299 40.39 12.46 -27.09
CA SER A 299 39.23 12.49 -26.21
C SER A 299 39.66 13.12 -24.89
N ALA A 300 38.72 13.82 -24.27
CA ALA A 300 38.89 14.35 -22.92
C ALA A 300 37.92 13.62 -21.99
N MET A 301 38.20 13.72 -20.69
CA MET A 301 37.42 13.02 -19.69
C MET A 301 36.84 14.12 -18.79
N GLN A 302 36.28 13.75 -17.65
CA GLN A 302 35.79 14.71 -16.67
C GLN A 302 36.89 15.48 -15.93
N GLY A 303 36.61 16.76 -15.67
CA GLY A 303 37.53 17.63 -14.99
C GLY A 303 38.57 18.28 -15.89
N ASP A 304 38.91 17.66 -17.02
CA ASP A 304 39.83 18.26 -17.96
C ASP A 304 39.34 19.65 -18.36
N ARG A 305 40.23 20.42 -18.98
CA ARG A 305 39.91 21.77 -19.44
C ARG A 305 40.63 21.96 -20.78
N LEU A 306 39.89 21.81 -21.88
CA LEU A 306 40.41 21.97 -23.23
C LEU A 306 39.43 22.83 -24.03
N GLY A 307 39.79 23.08 -25.28
CA GLY A 307 38.96 23.90 -26.15
C GLY A 307 38.48 23.15 -27.39
N ILE A 308 37.18 23.20 -27.64
CA ILE A 308 36.57 22.47 -28.75
C ILE A 308 36.49 23.41 -29.95
N CYS A 309 37.33 23.17 -30.95
CA CYS A 309 37.20 23.88 -32.21
C CYS A 309 35.94 23.40 -32.91
N VAL A 310 35.10 24.34 -33.36
CA VAL A 310 33.83 24.02 -33.98
C VAL A 310 33.52 25.05 -35.05
N THR A 311 32.49 24.73 -35.86
CA THR A 311 32.01 25.54 -36.97
C THR A 311 32.14 27.04 -36.70
N GLN A 312 32.41 27.82 -37.75
CA GLN A 312 32.63 29.25 -37.62
C GLN A 312 31.34 29.99 -37.27
N PHE A 313 30.57 29.45 -36.32
CA PHE A 313 29.37 30.14 -35.88
C PHE A 313 29.76 31.45 -35.18
N ASP A 314 28.74 32.26 -34.89
CA ASP A 314 28.93 33.57 -34.28
C ASP A 314 29.46 33.42 -32.86
N PRO A 315 30.78 33.61 -32.63
CA PRO A 315 31.36 33.50 -31.28
C PRO A 315 31.07 34.71 -30.40
N LYS A 316 29.80 35.09 -30.31
CA LYS A 316 29.39 36.26 -29.55
C LYS A 316 28.12 35.98 -28.76
N LEU A 317 27.16 35.30 -29.40
CA LEU A 317 25.89 34.99 -28.73
C LEU A 317 26.08 34.16 -27.47
N LEU A 318 27.26 33.56 -27.28
CA LEU A 318 27.51 32.69 -26.12
C LEU A 318 28.96 32.89 -25.69
N GLU A 319 29.17 33.78 -24.72
CA GLU A 319 30.49 33.98 -24.11
C GLU A 319 30.63 33.28 -22.78
N ARG A 320 29.56 32.66 -22.28
CA ARG A 320 29.63 31.77 -21.12
C ARG A 320 28.29 31.06 -20.98
N GLY A 321 28.28 29.75 -21.19
CA GLY A 321 27.03 29.02 -21.20
C GLY A 321 27.25 27.53 -21.20
N LEU A 322 26.17 26.80 -21.49
CA LEU A 322 26.15 25.34 -21.38
C LEU A 322 26.27 24.69 -22.74
N VAL A 323 27.17 23.71 -22.84
CA VAL A 323 27.33 22.88 -24.02
C VAL A 323 27.43 21.43 -23.58
N CYS A 324 26.84 20.53 -24.37
CA CYS A 324 26.68 19.14 -23.95
C CYS A 324 26.24 18.32 -25.14
N ALA A 325 26.06 17.01 -24.90
CA ALA A 325 25.48 16.11 -25.87
C ALA A 325 24.13 16.65 -26.33
N PRO A 326 23.73 16.38 -27.57
CA PRO A 326 22.37 16.75 -27.97
C PRO A 326 21.34 16.01 -27.13
N GLU A 327 20.18 16.64 -26.95
CA GLU A 327 19.06 16.00 -26.28
C GLU A 327 19.45 15.45 -24.89
N SER A 328 20.48 16.04 -24.28
CA SER A 328 20.96 15.58 -22.98
C SER A 328 20.34 16.36 -21.82
N LEU A 329 20.19 17.67 -21.97
CA LEU A 329 19.50 18.45 -20.96
C LEU A 329 18.00 18.28 -21.11
N HIS A 330 17.25 18.79 -20.14
CA HIS A 330 15.81 18.83 -20.27
C HIS A 330 15.28 20.14 -19.72
N THR A 331 14.18 20.60 -20.31
CA THR A 331 13.49 21.81 -19.87
C THR A 331 12.38 21.41 -18.90
N VAL A 332 12.42 21.99 -17.70
CA VAL A 332 11.61 21.54 -16.57
C VAL A 332 10.68 22.67 -16.13
N HIS A 333 9.42 22.32 -15.89
CA HIS A 333 8.45 23.25 -15.32
C HIS A 333 8.14 22.95 -13.86
N ALA A 334 8.80 21.96 -13.28
CA ALA A 334 8.47 21.45 -11.95
C ALA A 334 9.32 20.22 -11.72
N ALA A 335 9.69 19.95 -10.47
CA ALA A 335 10.63 18.87 -10.24
C ALA A 335 10.46 18.32 -8.84
N LEU A 336 10.84 17.06 -8.66
CA LEU A 336 10.80 16.41 -7.34
C LEU A 336 12.22 16.33 -6.80
N ILE A 337 12.63 17.38 -6.11
CA ILE A 337 13.95 17.42 -5.48
C ILE A 337 13.95 16.49 -4.29
N SER A 338 15.11 16.34 -3.66
CA SER A 338 15.23 15.73 -2.34
C SER A 338 15.72 16.82 -1.39
N VAL A 339 14.88 17.20 -0.43
CA VAL A 339 15.09 18.41 0.35
C VAL A 339 15.92 18.12 1.59
N GLU A 340 16.57 19.17 2.10
CA GLU A 340 17.39 19.09 3.30
C GLU A 340 17.75 20.48 3.79
N LYS A 341 17.18 20.90 4.91
CA LYS A 341 17.45 22.24 5.41
C LYS A 341 18.91 22.39 5.81
N ILE A 342 19.40 23.63 5.75
CA ILE A 342 20.72 23.96 6.27
C ILE A 342 20.60 24.12 7.79
N PRO A 343 21.56 23.63 8.57
CA PRO A 343 21.45 23.79 10.03
C PRO A 343 21.27 25.24 10.38
N TYR A 344 22.27 26.03 10.00
CA TYR A 344 22.34 27.45 10.29
C TYR A 344 21.12 28.24 9.82
N PHE A 345 20.09 27.57 9.30
CA PHE A 345 18.91 28.29 8.83
C PHE A 345 18.01 28.63 10.01
N ARG A 346 17.87 29.92 10.29
CA ARG A 346 16.88 30.37 11.25
C ARG A 346 15.50 30.29 10.60
N GLY A 347 14.60 29.53 11.20
CA GLY A 347 13.23 29.51 10.78
C GLY A 347 12.70 28.12 10.48
N PRO A 348 11.45 28.05 10.01
CA PRO A 348 10.89 26.76 9.60
C PRO A 348 10.98 26.57 8.09
N LEU A 349 10.45 25.46 7.57
CA LEU A 349 10.35 25.23 6.13
C LEU A 349 8.89 24.88 5.83
N GLN A 350 8.14 25.89 5.39
CA GLN A 350 6.69 25.78 5.28
C GLN A 350 6.30 25.48 3.83
N THR A 351 5.54 24.40 3.65
CA THR A 351 4.93 24.11 2.35
C THR A 351 4.23 25.35 1.81
N LYS A 352 4.43 25.61 0.52
CA LYS A 352 3.85 26.74 -0.19
C LYS A 352 4.59 28.03 0.07
N ALA A 353 5.83 27.96 0.55
CA ALA A 353 6.65 29.14 0.82
C ALA A 353 7.63 29.33 -0.33
N LYS A 354 7.42 30.38 -1.13
CA LYS A 354 8.26 30.66 -2.29
C LYS A 354 9.75 30.60 -1.91
N PHE A 355 10.63 30.52 -2.90
CA PHE A 355 12.06 30.48 -2.66
C PHE A 355 12.80 31.11 -3.84
N HIS A 356 14.12 31.15 -3.74
CA HIS A 356 15.00 31.64 -4.81
C HIS A 356 15.89 30.48 -5.25
N ILE A 357 15.29 29.55 -5.96
CA ILE A 357 15.98 28.36 -6.37
C ILE A 357 16.98 28.51 -7.45
N THR A 358 18.13 27.92 -7.19
CA THR A 358 19.23 27.91 -8.11
C THR A 358 19.29 26.45 -8.24
N VAL A 359 19.08 25.97 -9.46
CA VAL A 359 19.06 24.55 -9.72
C VAL A 359 20.42 23.99 -10.04
N GLY A 360 20.83 24.16 -11.27
CA GLY A 360 22.12 23.68 -11.68
C GLY A 360 23.01 24.84 -11.99
N HIS A 361 22.70 25.52 -13.08
CA HIS A 361 23.47 26.65 -13.49
C HIS A 361 22.52 27.77 -13.78
N GLU A 362 21.28 27.62 -13.35
CA GLU A 362 20.25 28.62 -13.63
C GLU A 362 19.41 28.83 -12.38
N THR A 363 19.18 30.10 -12.05
CA THR A 363 18.41 30.47 -10.87
C THR A 363 17.02 30.87 -11.31
N VAL A 364 16.04 30.02 -11.01
CA VAL A 364 14.65 30.33 -11.25
C VAL A 364 13.92 30.27 -9.92
N MET A 365 12.93 31.15 -9.76
CA MET A 365 12.12 31.18 -8.55
C MET A 365 10.95 30.22 -8.73
N GLY A 366 10.97 29.12 -7.96
CA GLY A 366 9.85 28.23 -7.85
C GLY A 366 9.19 28.34 -6.48
N ARG A 367 8.20 27.47 -6.28
CA ARG A 367 7.58 27.29 -4.98
C ARG A 367 7.86 25.88 -4.50
N LEU A 368 7.44 25.60 -3.27
CA LEU A 368 7.70 24.30 -2.71
C LEU A 368 6.41 23.59 -2.32
N MET A 369 6.60 22.44 -1.69
CA MET A 369 5.59 21.53 -1.19
C MET A 369 6.54 20.51 -0.60
N PHE A 370 6.13 19.79 0.42
CA PHE A 370 7.04 18.88 1.09
C PHE A 370 6.23 17.59 1.15
N PHE A 371 6.92 16.49 1.47
CA PHE A 371 6.26 15.22 1.71
C PHE A 371 7.29 14.23 2.21
N SER A 372 6.80 13.20 2.90
CA SER A 372 7.67 12.29 3.64
C SER A 372 7.22 10.85 3.48
N PRO A 373 8.02 9.89 3.94
CA PRO A 373 7.62 8.48 3.80
C PRO A 373 6.60 8.16 4.86
N ALA A 374 6.32 6.88 5.04
CA ALA A 374 5.40 6.38 6.05
C ALA A 374 6.07 5.83 7.30
N PRO A 375 5.34 5.77 8.41
CA PRO A 375 5.98 5.35 9.68
C PRO A 375 6.62 3.98 9.60
N ASP A 376 6.04 3.05 8.83
CA ASP A 376 6.56 1.69 8.79
C ASP A 376 8.04 1.67 8.39
N ASN A 377 8.37 2.31 7.27
CA ASN A 377 9.75 2.46 6.83
C ASN A 377 10.20 3.91 6.97
N PHE A 378 9.79 4.56 8.06
CA PHE A 378 10.22 5.93 8.32
C PHE A 378 11.74 6.07 8.39
N ASP A 379 12.46 4.95 8.50
CA ASP A 379 13.91 4.96 8.55
C ASP A 379 14.52 4.14 7.42
N GLN A 380 13.84 4.08 6.27
CA GLN A 380 14.37 3.33 5.13
C GLN A 380 15.66 4.00 4.65
N GLU A 381 16.46 3.23 3.92
CA GLU A 381 17.73 3.73 3.45
C GLU A 381 17.53 4.99 2.61
N PRO A 382 18.57 5.82 2.49
CA PRO A 382 18.52 6.96 1.57
C PRO A 382 18.76 6.52 0.14
N ILE A 383 17.77 6.75 -0.72
CA ILE A 383 17.92 6.52 -2.15
C ILE A 383 18.11 7.89 -2.79
N LEU A 384 19.37 8.26 -3.01
CA LEU A 384 19.72 9.61 -3.44
C LEU A 384 19.80 9.76 -4.96
N ASP A 385 19.65 8.68 -5.71
CA ASP A 385 19.74 8.74 -7.17
C ASP A 385 18.45 8.38 -7.89
N SER A 386 17.51 7.73 -7.22
CA SER A 386 16.28 7.29 -7.88
C SER A 386 15.05 7.93 -7.26
N PHE A 387 13.94 7.21 -7.27
CA PHE A 387 12.66 7.66 -6.72
C PHE A 387 11.75 6.45 -6.88
N ASN A 388 11.16 5.99 -5.78
CA ASN A 388 10.44 4.72 -5.77
C ASN A 388 8.96 5.02 -5.94
N PHE A 389 8.65 5.72 -7.04
CA PHE A 389 7.32 6.23 -7.34
C PHE A 389 6.18 5.25 -7.06
N SER A 390 6.50 3.97 -6.82
CA SER A 390 5.44 3.00 -6.55
C SER A 390 4.85 3.20 -5.16
N GLN A 391 5.70 3.39 -4.15
CA GLN A 391 5.23 3.55 -2.79
C GLN A 391 4.57 4.91 -2.58
N GLU A 392 3.80 5.02 -1.50
CA GLU A 392 3.05 6.22 -1.15
C GLU A 392 3.87 7.14 -0.26
N TYR A 393 3.40 8.38 -0.11
CA TYR A 393 4.14 9.42 0.60
C TYR A 393 3.20 10.32 1.40
N LEU A 394 3.60 10.65 2.62
CA LEU A 394 2.78 11.47 3.52
C LEU A 394 3.02 12.95 3.26
N PHE A 395 1.93 13.70 3.15
CA PHE A 395 2.00 15.14 3.01
C PHE A 395 2.45 15.78 4.33
N GLN A 396 3.24 16.84 4.23
CA GLN A 396 3.77 17.49 5.42
C GLN A 396 3.73 19.01 5.24
N GLU A 397 3.22 19.71 6.26
CA GLU A 397 3.11 21.17 6.17
C GLU A 397 4.42 21.87 6.52
N GLN A 398 5.36 21.18 7.16
CA GLN A 398 6.64 21.77 7.53
C GLN A 398 7.69 20.67 7.57
N TYR A 399 8.88 20.98 7.05
CA TYR A 399 10.00 20.05 7.12
C TYR A 399 10.23 19.61 8.56
N LEU A 400 10.08 18.32 8.81
CA LEU A 400 10.29 17.75 10.14
C LEU A 400 11.77 17.76 10.48
N SER A 401 12.16 18.63 11.43
CA SER A 401 13.57 18.76 11.79
C SER A 401 13.75 18.18 13.18
N LYS A 402 13.62 18.96 14.25
CA LYS A 402 13.81 18.43 15.59
C LYS A 402 13.33 19.43 16.64
N HIS A 425 13.38 8.06 14.94
CA HIS A 425 12.40 8.98 15.52
C HIS A 425 11.84 9.90 14.45
N CYS A 426 12.72 10.60 13.74
CA CYS A 426 12.35 11.47 12.64
C CYS A 426 12.46 10.71 11.32
N PRO A 427 12.40 11.39 10.17
CA PRO A 427 12.68 10.72 8.90
C PRO A 427 14.15 10.80 8.51
N ARG A 428 14.57 9.81 7.74
CA ARG A 428 15.95 9.78 7.24
C ARG A 428 16.17 10.69 6.04
N GLN A 429 15.10 11.09 5.36
CA GLN A 429 15.14 12.09 4.32
C GLN A 429 13.72 12.31 3.82
N GLN A 430 13.49 13.45 3.16
CA GLN A 430 12.19 13.79 2.62
C GLN A 430 12.37 14.55 1.31
N TRP A 431 11.24 14.84 0.66
CA TRP A 431 11.27 15.46 -0.66
C TRP A 431 10.36 16.66 -0.73
N ALA A 432 10.14 17.18 -1.94
CA ALA A 432 9.34 18.39 -2.13
C ALA A 432 9.07 18.65 -3.60
N LEU A 433 7.81 18.68 -3.99
CA LEU A 433 7.45 18.92 -5.39
C LEU A 433 7.63 20.40 -5.68
N VAL A 434 8.85 20.77 -6.09
CA VAL A 434 9.05 22.14 -6.52
C VAL A 434 8.10 22.46 -7.67
N GLU A 435 7.83 23.75 -7.84
CA GLU A 435 7.05 24.22 -9.00
C GLU A 435 7.59 25.58 -9.38
N PHE A 436 8.27 25.65 -10.51
CA PHE A 436 8.89 26.90 -10.92
C PHE A 436 7.88 27.81 -11.61
N GLU A 437 8.28 29.07 -11.73
CA GLU A 437 7.54 30.08 -12.49
C GLU A 437 7.92 30.05 -13.96
N LYS A 438 9.22 29.97 -14.25
CA LYS A 438 9.75 30.00 -15.58
C LYS A 438 10.25 28.62 -15.98
N PRO A 439 10.01 28.21 -17.22
CA PRO A 439 10.49 26.89 -17.65
C PRO A 439 12.01 26.79 -17.60
N VAL A 440 12.55 26.52 -16.41
CA VAL A 440 13.98 26.28 -16.26
C VAL A 440 14.37 25.07 -17.10
N THR A 441 15.66 24.81 -17.23
CA THR A 441 16.14 23.80 -18.16
C THR A 441 17.55 23.40 -17.75
N CYS A 442 17.71 22.16 -17.26
CA CYS A 442 19.03 21.75 -16.81
C CYS A 442 19.14 20.24 -16.60
N PRO A 443 20.31 19.74 -16.16
CA PRO A 443 20.54 18.28 -16.09
C PRO A 443 19.56 17.50 -15.23
N ARG A 444 19.75 16.19 -15.23
CA ARG A 444 19.06 15.29 -14.33
C ARG A 444 19.97 14.95 -13.16
N LEU A 445 19.37 14.80 -11.99
CA LEU A 445 20.11 14.64 -10.73
C LEU A 445 20.99 15.84 -10.43
N CYS A 446 20.78 16.96 -11.11
CA CYS A 446 21.57 18.16 -10.85
C CYS A 446 21.28 18.68 -9.45
N LEU A 447 22.31 19.29 -8.86
CA LEU A 447 22.31 19.67 -7.45
C LEU A 447 21.45 20.92 -7.27
N VAL A 448 20.19 20.72 -6.85
CA VAL A 448 19.29 21.83 -6.62
C VAL A 448 19.68 22.56 -5.33
N ILE A 449 19.51 23.88 -5.35
CA ILE A 449 19.69 24.69 -4.16
C ILE A 449 18.93 25.99 -4.38
N GLY A 450 18.42 26.55 -3.28
CA GLY A 450 17.65 27.78 -3.38
C GLY A 450 16.95 28.12 -2.10
N SER A 451 17.02 29.38 -1.70
CA SER A 451 16.41 29.69 -0.47
C SER A 451 16.51 31.11 -0.03
N ARG A 452 15.60 31.48 0.87
CA ARG A 452 15.61 32.78 1.52
C ARG A 452 15.38 34.09 0.77
N LEU A 453 14.20 34.25 0.18
CA LEU A 453 13.85 35.50 -0.45
C LEU A 453 13.22 36.49 0.50
N ASP A 454 13.75 37.70 0.63
CA ASP A 454 13.07 38.54 1.59
C ASP A 454 13.56 39.94 1.38
N ALA A 455 12.88 40.89 2.01
CA ALA A 455 13.23 42.30 1.89
C ALA A 455 13.75 42.71 3.25
N THR A 461 20.56 36.59 10.36
CA THR A 461 20.43 35.20 9.91
C THR A 461 21.02 35.03 8.51
N CYS A 462 21.29 33.79 8.12
CA CYS A 462 21.78 33.51 6.78
C CYS A 462 20.62 33.40 5.80
N ARG A 463 20.94 33.60 4.52
CA ARG A 463 19.93 33.61 3.47
C ARG A 463 19.70 32.25 2.85
N LEU A 464 20.64 31.32 2.98
CA LEU A 464 20.48 29.99 2.42
C LEU A 464 19.72 29.09 3.38
N ALA A 465 18.87 28.23 2.83
CA ALA A 465 17.96 27.41 3.64
C ALA A 465 18.30 25.92 3.54
N PHE A 466 18.12 25.31 2.37
CA PHE A 466 18.32 23.88 2.22
C PHE A 466 19.27 23.63 1.05
N HIS A 467 19.28 22.38 0.58
CA HIS A 467 19.92 21.97 -0.65
C HIS A 467 19.45 20.56 -0.95
N GLY A 468 19.30 20.24 -2.24
CA GLY A 468 18.84 18.92 -2.62
C GLY A 468 19.28 18.54 -4.02
N ILE A 469 18.90 17.32 -4.39
CA ILE A 469 19.14 16.80 -5.73
C ILE A 469 17.84 16.78 -6.49
N LEU A 470 17.94 16.81 -7.82
CA LEU A 470 16.76 16.77 -8.69
C LEU A 470 16.57 15.33 -9.14
N LEU A 471 15.63 14.64 -8.49
CA LEU A 471 15.38 13.25 -8.76
C LEU A 471 14.39 13.03 -9.89
N HIS A 472 13.76 14.09 -10.39
CA HIS A 472 12.78 13.89 -11.45
C HIS A 472 12.42 15.30 -11.90
N GLY A 473 12.34 15.51 -13.20
CA GLY A 473 12.04 16.84 -13.71
C GLY A 473 10.86 16.69 -14.62
N LEU A 474 9.71 17.21 -14.21
CA LEU A 474 8.55 17.21 -15.08
C LEU A 474 8.80 18.12 -16.28
N GLU A 475 8.42 17.64 -17.45
CA GLU A 475 8.69 18.34 -18.70
C GLU A 475 7.44 18.91 -19.36
N ASP A 476 6.27 18.34 -19.10
CA ASP A 476 5.04 18.88 -19.64
C ASP A 476 4.65 20.15 -18.90
N ARG A 477 4.17 21.15 -19.65
CA ARG A 477 3.63 22.34 -19.01
C ARG A 477 2.32 22.07 -18.27
N ASN A 478 1.69 20.92 -18.52
CA ASN A 478 0.48 20.51 -17.82
C ASN A 478 0.77 19.37 -16.86
N TYR A 479 1.86 19.46 -16.10
CA TYR A 479 2.18 18.42 -15.12
C TYR A 479 1.04 18.22 -14.12
N ALA A 480 0.05 19.11 -14.11
CA ALA A 480 -1.12 18.92 -13.26
C ALA A 480 -2.15 18.00 -13.90
N ASP A 481 -2.39 18.16 -15.21
CA ASP A 481 -3.34 17.36 -15.95
C ASP A 481 -2.73 16.06 -16.48
N SER A 482 -1.46 15.79 -16.19
CA SER A 482 -0.79 14.63 -16.75
C SER A 482 -0.21 13.75 -15.66
N PHE A 483 0.96 14.11 -15.16
CA PHE A 483 1.61 13.29 -14.14
C PHE A 483 1.02 13.49 -12.75
N LEU A 484 0.57 14.70 -12.43
CA LEU A 484 0.21 15.03 -11.05
C LEU A 484 -0.84 14.47 -10.10
N PRO A 485 -2.02 14.15 -10.62
CA PRO A 485 -3.10 13.60 -9.80
C PRO A 485 -2.85 12.12 -9.54
N ARG A 486 -1.95 11.53 -10.33
CA ARG A 486 -1.60 10.13 -10.20
C ARG A 486 -0.73 9.91 -8.98
N LEU A 487 0.09 10.90 -8.66
CA LEU A 487 0.97 10.81 -7.50
C LEU A 487 0.19 10.34 -6.30
N LYS A 488 0.89 9.89 -5.26
CA LYS A 488 0.21 9.40 -4.06
C LYS A 488 0.70 10.15 -2.82
N VAL A 489 0.10 11.31 -2.56
CA VAL A 489 0.36 12.06 -1.33
C VAL A 489 -0.76 11.76 -0.35
N TYR A 490 -0.44 11.08 0.74
CA TYR A 490 -1.45 10.74 1.73
C TYR A 490 -1.69 11.94 2.64
N LYS A 491 -2.92 12.45 2.64
CA LYS A 491 -3.32 13.56 3.49
C LYS A 491 -4.32 13.00 4.50
N LEU A 492 -3.80 12.58 5.66
CA LEU A 492 -4.63 11.98 6.70
C LEU A 492 -5.51 13.06 7.32
N LYS A 493 -6.79 13.05 6.96
CA LYS A 493 -7.78 13.97 7.52
C LYS A 493 -8.68 13.19 8.48
N HIS A 494 -8.76 13.65 9.73
CA HIS A 494 -9.44 12.94 10.81
C HIS A 494 -10.79 13.56 11.14
N LYS A 495 -11.53 12.88 12.00
CA LYS A 495 -12.81 13.36 12.53
C LYS A 495 -13.13 12.61 13.82
N HIS A 496 -14.11 13.12 14.56
CA HIS A 496 -14.49 12.55 15.84
C HIS A 496 -15.95 12.86 16.15
N GLY A 497 -16.71 11.81 16.47
CA GLY A 497 -18.07 11.95 16.94
C GLY A 497 -18.26 11.28 18.29
N LEU A 498 -19.47 11.40 18.81
CA LEU A 498 -19.83 10.88 20.12
C LEU A 498 -20.99 9.91 19.99
N VAL A 499 -20.84 8.73 20.60
CA VAL A 499 -21.89 7.71 20.58
C VAL A 499 -22.82 7.93 21.76
N GLU A 500 -24.10 7.61 21.57
CA GLU A 500 -25.11 7.85 22.59
C GLU A 500 -26.10 6.73 22.90
N ARG A 501 -26.94 6.38 21.94
CA ARG A 501 -28.01 5.40 22.17
C ARG A 501 -27.37 4.04 21.89
N ALA A 502 -28.23 3.02 21.87
CA ALA A 502 -27.83 1.66 21.46
C ALA A 502 -29.11 1.00 20.95
N MET A 503 -29.37 1.15 19.65
CA MET A 503 -30.59 0.60 19.06
C MET A 503 -30.67 -0.90 19.32
N ASP A 504 -29.65 -1.64 18.94
CA ASP A 504 -29.61 -3.09 19.15
C ASP A 504 -28.19 -3.47 19.57
N ASP A 505 -27.84 -4.75 19.37
CA ASP A 505 -26.47 -5.19 19.55
C ASP A 505 -25.62 -4.95 18.32
N TYR A 506 -26.24 -4.55 17.20
CA TYR A 506 -25.55 -4.26 15.96
C TYR A 506 -25.99 -2.91 15.41
N SER A 507 -26.13 -1.93 16.29
CA SER A 507 -26.56 -0.60 15.89
C SER A 507 -26.31 0.37 17.03
N VAL A 508 -25.98 1.60 16.67
CA VAL A 508 -25.79 2.68 17.63
C VAL A 508 -26.28 3.95 16.95
N ILE A 509 -26.04 5.10 17.56
CA ILE A 509 -26.39 6.39 16.97
C ILE A 509 -25.28 7.38 17.31
N GLY A 510 -25.00 8.29 16.38
CA GLY A 510 -23.97 9.29 16.56
C GLY A 510 -24.37 10.65 16.02
N ARG A 511 -23.62 11.67 16.44
CA ARG A 511 -23.93 13.04 16.07
C ARG A 511 -22.69 13.93 16.11
N SER A 512 -22.09 14.18 14.94
CA SER A 512 -20.86 14.96 14.91
C SER A 512 -20.60 15.37 13.45
N LEU A 513 -19.34 15.65 13.12
CA LEU A 513 -18.89 15.68 11.73
C LEU A 513 -19.10 17.06 11.10
N PHE A 514 -18.99 18.13 11.90
CA PHE A 514 -19.06 19.51 11.40
C PHE A 514 -19.55 19.70 9.98
N THR A 518 -23.19 18.93 7.00
CA THR A 518 -22.56 17.67 6.63
C THR A 518 -23.23 17.04 5.42
N ASN A 519 -22.78 15.85 5.05
CA ASN A 519 -23.33 15.12 3.90
C ASN A 519 -23.78 13.73 4.32
N ILE A 520 -22.88 12.85 4.74
CA ILE A 520 -23.21 11.58 5.39
C ILE A 520 -23.82 10.58 4.39
N GLN A 521 -24.14 11.05 3.18
CA GLN A 521 -24.54 10.13 2.13
C GLN A 521 -23.35 9.85 1.23
N LEU A 522 -22.27 10.63 1.37
CA LEU A 522 -21.05 10.44 0.61
C LEU A 522 -19.94 9.77 1.42
N PHE A 523 -20.20 9.50 2.70
CA PHE A 523 -19.25 8.79 3.54
C PHE A 523 -19.75 7.42 4.00
N VAL A 524 -21.04 7.12 3.80
CA VAL A 524 -21.65 5.88 4.26
C VAL A 524 -20.80 4.69 3.85
N GLY A 525 -20.34 3.93 4.83
CA GLY A 525 -19.53 2.75 4.60
C GLY A 525 -18.12 2.86 5.14
N LEU A 526 -17.58 4.06 5.27
CA LEU A 526 -16.22 4.22 5.77
C LEU A 526 -16.08 3.51 7.10
N LYS A 527 -14.95 2.82 7.28
CA LYS A 527 -14.72 2.07 8.50
C LYS A 527 -14.48 3.03 9.66
N VAL A 528 -15.29 2.89 10.72
CA VAL A 528 -15.24 3.77 11.88
C VAL A 528 -15.04 2.93 13.13
N HIS A 529 -14.52 3.57 14.18
CA HIS A 529 -14.12 2.87 15.39
C HIS A 529 -14.55 3.67 16.62
N LEU A 530 -15.28 3.01 17.52
CA LEU A 530 -15.79 3.66 18.73
C LEU A 530 -14.68 3.79 19.78
N SER A 531 -14.91 4.69 20.73
CA SER A 531 -13.94 4.93 21.80
C SER A 531 -13.65 3.68 22.62
N THR A 532 -14.39 2.60 22.41
CA THR A 532 -14.24 1.38 23.18
C THR A 532 -13.22 0.42 22.59
N GLY A 533 -13.04 0.43 21.27
CA GLY A 533 -12.15 -0.48 20.59
C GLY A 533 -12.82 -1.32 19.53
N GLU A 534 -14.14 -1.42 19.54
CA GLU A 534 -14.85 -2.16 18.51
C GLU A 534 -14.83 -1.39 17.19
N LEU A 535 -15.05 -2.12 16.10
CA LEU A 535 -15.09 -1.54 14.77
C LEU A 535 -16.53 -1.39 14.30
N GLY A 536 -16.77 -0.35 13.51
CA GLY A 536 -18.09 -0.06 13.02
C GLY A 536 -18.04 0.54 11.63
N ILE A 537 -19.13 0.38 10.90
CA ILE A 537 -19.23 0.86 9.53
C ILE A 537 -20.38 1.86 9.51
N ILE A 538 -20.03 3.15 9.49
CA ILE A 538 -21.04 4.20 9.34
C ILE A 538 -22.03 3.73 8.29
N ASP A 539 -23.26 3.46 8.71
CA ASP A 539 -24.28 2.98 7.80
C ASP A 539 -25.16 4.14 7.33
N GLY A 546 -30.10 16.98 11.34
CA GLY A 546 -28.96 16.09 11.32
C GLY A 546 -29.27 14.75 11.97
N LYS A 547 -28.36 13.79 11.81
CA LYS A 547 -28.55 12.46 12.38
C LYS A 547 -27.29 11.61 12.21
N PHE A 548 -27.44 10.30 12.35
CA PHE A 548 -26.36 9.34 12.21
C PHE A 548 -26.94 7.94 12.31
N LYS A 549 -26.19 6.97 11.79
CA LYS A 549 -26.59 5.57 11.77
C LYS A 549 -25.39 4.68 11.64
N ILE A 550 -24.88 4.16 12.74
CA ILE A 550 -23.70 3.31 12.73
C ILE A 550 -24.11 1.85 12.85
N HIS A 551 -23.25 0.97 12.35
CA HIS A 551 -23.36 -0.47 12.45
C HIS A 551 -22.23 -0.98 13.35
N ILE A 552 -22.08 -2.30 13.42
CA ILE A 552 -20.96 -2.92 14.11
C ILE A 552 -21.07 -4.43 13.93
N PRO A 553 -20.06 -5.10 13.38
CA PRO A 553 -20.06 -6.56 13.43
C PRO A 553 -19.71 -7.05 14.82
N GLY A 554 -18.48 -6.76 15.24
CA GLY A 554 -17.99 -7.15 16.55
C GLY A 554 -16.67 -7.88 16.47
N LEU A 556 -22.67 -5.28 20.15
CA LEU A 556 -21.58 -4.38 20.49
C LEU A 556 -20.61 -5.01 21.48
N SER A 557 -19.58 -4.26 21.86
CA SER A 557 -18.56 -4.74 22.79
C SER A 557 -19.21 -5.09 24.13
N PRO A 558 -18.48 -5.75 25.03
CA PRO A 558 -19.08 -6.02 26.35
C PRO A 558 -19.19 -4.77 27.21
N GLU A 559 -18.15 -3.93 27.21
CA GLU A 559 -18.13 -2.72 28.01
C GLU A 559 -19.23 -1.77 27.60
N SER A 560 -19.16 -1.23 26.37
CA SER A 560 -20.19 -0.30 25.91
C SER A 560 -21.59 -0.89 26.02
N LYS A 561 -21.71 -2.21 25.85
CA LYS A 561 -23.02 -2.84 25.97
C LYS A 561 -23.63 -2.57 27.35
N LYS A 562 -22.82 -2.72 28.41
CA LYS A 562 -23.27 -2.32 29.74
C LYS A 562 -23.52 -0.82 29.79
N ILE A 563 -22.51 -0.03 29.46
CA ILE A 563 -22.62 1.42 29.46
C ILE A 563 -23.59 1.89 28.39
N SER A 585 -33.25 7.42 25.13
CA SER A 585 -32.34 7.96 26.14
C SER A 585 -31.00 7.25 26.09
N ALA A 586 -30.55 6.80 27.27
CA ALA A 586 -29.29 6.07 27.40
C ALA A 586 -29.09 5.66 28.85
N GLU A 587 -27.90 5.17 29.19
CA GLU A 587 -27.61 4.76 30.56
C GLU A 587 -26.19 5.16 30.89
N ARG A 588 -25.92 5.27 32.20
CA ARG A 588 -24.61 5.55 32.77
C ARG A 588 -24.11 6.96 32.50
N SER A 589 -24.87 7.79 31.78
CA SER A 589 -24.54 9.19 31.42
C SER A 589 -23.60 9.28 30.23
N GLU A 590 -23.36 8.15 29.53
CA GLU A 590 -22.45 8.02 28.39
C GLU A 590 -21.03 8.46 28.75
N PRO A 591 -20.39 7.81 29.73
CA PRO A 591 -18.99 8.15 30.05
C PRO A 591 -18.30 7.94 28.72
N SER A 592 -18.22 8.99 27.91
CA SER A 592 -17.40 9.00 26.71
C SER A 592 -17.56 7.91 25.65
N GLN A 593 -18.78 7.73 25.15
CA GLN A 593 -18.96 6.92 23.95
C GLN A 593 -18.41 7.75 22.78
N HIS A 594 -17.13 7.58 22.48
CA HIS A 594 -16.45 8.41 21.50
C HIS A 594 -16.32 7.63 20.19
N VAL A 595 -16.52 8.34 19.08
CA VAL A 595 -16.46 7.77 17.74
C VAL A 595 -15.34 8.48 16.98
N VAL A 596 -14.42 7.69 16.40
CA VAL A 596 -13.26 8.23 15.71
C VAL A 596 -13.22 7.69 14.28
N LEU A 597 -12.68 8.51 13.38
CA LEU A 597 -12.56 8.16 11.96
C LEU A 597 -11.16 8.51 11.46
N SER A 598 -10.68 7.75 10.48
CA SER A 598 -9.37 8.02 9.88
C SER A 598 -9.39 7.56 8.44
N LEU A 599 -9.43 8.50 7.50
CA LEU A 599 -9.50 8.19 6.08
C LEU A 599 -8.36 8.86 5.33
N THR A 600 -7.90 8.21 4.26
CA THR A 600 -6.75 8.65 3.49
C THR A 600 -7.18 9.52 2.32
N PHE A 601 -6.49 10.63 2.13
CA PHE A 601 -6.89 11.66 1.17
C PHE A 601 -5.73 11.91 0.22
N LYS A 602 -5.77 11.34 -0.99
CA LYS A 602 -4.66 11.53 -1.91
C LYS A 602 -4.85 12.97 -2.34
N ARG A 603 -3.78 13.73 -2.35
CA ARG A 603 -3.87 15.14 -2.66
C ARG A 603 -4.61 15.60 -3.92
N TYR A 604 -4.53 14.89 -5.03
CA TYR A 604 -5.22 15.36 -6.25
C TYR A 604 -6.46 14.63 -6.75
N VAL A 605 -6.69 13.41 -6.28
CA VAL A 605 -7.81 12.67 -6.77
C VAL A 605 -8.99 13.41 -6.25
N PHE A 606 -10.18 13.10 -6.71
CA PHE A 606 -11.36 13.79 -6.20
C PHE A 606 -11.80 13.57 -4.73
N ASP A 607 -11.81 12.34 -4.24
CA ASP A 607 -12.20 12.06 -2.84
C ASP A 607 -11.70 10.67 -2.49
N THR A 608 -11.54 10.29 -1.23
CA THR A 608 -11.02 8.93 -0.96
C THR A 608 -11.34 7.99 0.23
N HIS A 609 -10.55 6.93 0.26
CA HIS A 609 -10.60 5.80 1.17
C HIS A 609 -9.49 5.83 2.17
N LYS A 610 -9.35 4.72 2.90
CA LYS A 610 -8.30 4.45 3.87
C LYS A 610 -8.14 2.97 4.05
N ARG A 611 -7.16 2.54 4.85
CA ARG A 611 -6.87 1.13 5.13
C ARG A 611 -5.42 0.88 5.58
N VAL B 26 -29.68 -34.61 31.59
CA VAL B 26 -29.07 -33.84 30.50
C VAL B 26 -29.81 -34.10 29.19
N ASN B 27 -30.51 -33.09 28.69
CA ASN B 27 -31.25 -33.23 27.43
C ASN B 27 -30.30 -33.19 26.25
N VAL B 28 -30.71 -33.87 25.16
CA VAL B 28 -29.91 -33.98 23.95
C VAL B 28 -30.86 -34.09 22.76
N ASN B 29 -30.33 -33.79 21.57
CA ASN B 29 -31.06 -33.92 20.32
C ASN B 29 -30.28 -34.80 19.37
N VAL B 30 -31.03 -35.57 18.56
CA VAL B 30 -30.45 -36.43 17.53
C VAL B 30 -31.48 -36.61 16.42
N GLY B 31 -31.03 -36.49 15.18
CA GLY B 31 -31.89 -36.59 14.01
C GLY B 31 -31.68 -37.91 13.28
N VAL B 32 -32.79 -38.52 12.87
CA VAL B 32 -32.76 -39.78 12.12
C VAL B 32 -32.91 -39.44 10.64
N LEU B 33 -31.97 -39.90 9.82
CA LEU B 33 -31.91 -39.56 8.40
C LEU B 33 -31.91 -40.83 7.57
N GLY B 34 -32.90 -40.95 6.69
CA GLY B 34 -33.00 -42.11 5.83
C GLY B 34 -33.87 -41.84 4.62
N HIS B 35 -34.10 -42.90 3.85
CA HIS B 35 -34.86 -42.78 2.62
C HIS B 35 -36.36 -42.74 2.92
N ILE B 36 -37.11 -42.15 1.98
CA ILE B 36 -38.55 -42.04 2.16
C ILE B 36 -39.18 -43.41 2.35
N ASP B 37 -38.70 -44.41 1.62
CA ASP B 37 -39.17 -45.79 1.75
C ASP B 37 -38.24 -46.62 2.63
N SER B 38 -37.44 -45.98 3.46
CA SER B 38 -36.47 -46.67 4.31
C SER B 38 -37.02 -47.03 5.68
N GLY B 39 -37.99 -46.27 6.18
CA GLY B 39 -38.53 -46.53 7.50
C GLY B 39 -37.90 -45.68 8.58
N LYS B 40 -38.59 -44.63 9.02
CA LYS B 40 -38.02 -43.70 9.98
C LYS B 40 -38.91 -43.49 11.19
N THR B 41 -40.04 -42.79 11.03
CA THR B 41 -40.89 -42.51 12.19
C THR B 41 -41.44 -43.79 12.81
N ALA B 42 -41.79 -44.78 11.99
CA ALA B 42 -42.25 -46.05 12.53
C ALA B 42 -41.15 -46.72 13.35
N LEU B 43 -39.89 -46.59 12.91
CA LEU B 43 -38.75 -47.16 13.61
C LEU B 43 -38.69 -46.71 15.07
N ALA B 44 -38.22 -45.48 15.28
CA ALA B 44 -38.01 -44.98 16.64
C ALA B 44 -39.25 -45.14 17.49
N ARG B 45 -40.42 -45.30 16.87
CA ARG B 45 -41.64 -45.60 17.61
C ARG B 45 -41.39 -46.54 18.77
N ALA B 46 -40.66 -47.63 18.51
CA ALA B 46 -40.26 -48.57 19.55
C ALA B 46 -39.74 -47.82 20.78
N LEU B 47 -39.18 -46.63 20.56
CA LEU B 47 -38.68 -45.83 21.67
C LEU B 47 -39.81 -45.47 22.65
N SER B 48 -40.84 -44.78 22.13
CA SER B 48 -41.97 -44.43 22.99
C SER B 48 -42.54 -45.67 23.68
N THR B 49 -42.78 -46.72 22.91
CA THR B 49 -43.31 -47.97 23.45
C THR B 49 -42.30 -48.64 24.37
N THR B 50 -41.23 -49.18 23.80
CA THR B 50 -40.19 -49.86 24.56
C THR B 50 -39.53 -48.89 25.54
N CYS B 75 -39.66 -39.39 22.41
CA CYS B 75 -38.80 -39.09 23.56
C CYS B 75 -38.16 -40.36 24.10
N PHE B 76 -37.61 -40.26 25.31
CA PHE B 76 -36.95 -41.40 25.96
C PHE B 76 -36.40 -41.01 27.33
N SER B 77 -35.62 -41.91 27.94
CA SER B 77 -35.04 -41.68 29.26
C SER B 77 -33.99 -42.74 29.51
N VAL B 78 -32.86 -42.33 30.09
CA VAL B 78 -31.76 -43.25 30.37
C VAL B 78 -30.87 -42.72 31.49
N PRO B 79 -29.87 -43.49 31.95
CA PRO B 79 -28.98 -42.99 33.00
C PRO B 79 -27.70 -42.36 32.44
N LEU B 80 -26.81 -41.93 33.33
CA LEU B 80 -25.54 -41.34 32.93
C LEU B 80 -24.38 -41.97 33.71
N PRO B 104 -36.51 -36.15 33.74
CA PRO B 104 -35.75 -37.37 34.01
C PRO B 104 -34.25 -37.10 34.12
N LEU B 105 -33.45 -38.16 34.15
CA LEU B 105 -32.00 -38.03 34.18
C LEU B 105 -31.37 -37.97 32.79
N LEU B 106 -32.10 -38.41 31.77
CA LEU B 106 -31.60 -38.36 30.40
C LEU B 106 -32.79 -38.44 29.46
N GLN B 107 -32.97 -37.42 28.63
CA GLN B 107 -34.05 -37.39 27.64
C GLN B 107 -33.45 -37.00 26.30
N VAL B 108 -33.79 -37.77 25.26
CA VAL B 108 -33.24 -37.57 23.93
C VAL B 108 -34.37 -37.15 22.99
N THR B 109 -34.15 -36.08 22.24
CA THR B 109 -35.15 -35.55 21.32
C THR B 109 -34.98 -36.19 19.96
N LEU B 110 -36.04 -36.84 19.47
CA LEU B 110 -36.01 -37.52 18.18
C LEU B 110 -36.50 -36.56 17.10
N VAL B 111 -35.63 -36.26 16.14
CA VAL B 111 -35.93 -35.31 15.07
C VAL B 111 -36.19 -36.09 13.80
N ASP B 112 -37.46 -36.09 13.37
CA ASP B 112 -37.88 -36.73 12.13
C ASP B 112 -38.74 -35.75 11.34
N CYS B 113 -39.33 -36.23 10.26
CA CYS B 113 -40.23 -35.39 9.48
C CYS B 113 -40.74 -36.20 8.30
N PRO B 114 -41.57 -35.62 7.44
CA PRO B 114 -42.02 -36.35 6.24
C PRO B 114 -40.86 -37.00 5.52
N GLY B 115 -39.98 -36.16 4.98
CA GLY B 115 -38.79 -36.65 4.33
C GLY B 115 -37.81 -35.52 4.12
N HIS B 116 -36.82 -35.77 3.27
CA HIS B 116 -35.81 -34.79 2.93
C HIS B 116 -36.40 -33.38 2.89
N ALA B 117 -37.64 -33.27 2.42
CA ALA B 117 -38.36 -32.00 2.40
C ALA B 117 -38.16 -31.23 3.69
N SER B 118 -38.72 -31.71 4.79
CA SER B 118 -38.66 -30.96 6.05
C SER B 118 -37.34 -31.18 6.77
N LEU B 119 -36.99 -32.44 7.05
CA LEU B 119 -35.79 -32.78 7.81
C LEU B 119 -34.60 -31.95 7.34
N ILE B 120 -34.51 -31.74 6.03
CA ILE B 120 -33.43 -30.94 5.42
C ILE B 120 -33.26 -29.66 6.22
N ARG B 121 -34.20 -28.73 6.04
CA ARG B 121 -34.13 -27.45 6.74
C ARG B 121 -33.82 -27.65 8.22
N THR B 122 -34.49 -28.61 8.86
CA THR B 122 -34.30 -28.81 10.29
C THR B 122 -32.86 -29.21 10.61
N ILE B 123 -32.36 -30.25 9.95
CA ILE B 123 -31.05 -30.80 10.29
C ILE B 123 -29.93 -29.80 10.04
N ILE B 124 -30.20 -28.73 9.31
CA ILE B 124 -29.21 -27.68 9.11
C ILE B 124 -29.35 -26.59 10.16
N GLY B 125 -30.58 -26.13 10.40
CA GLY B 125 -30.77 -25.01 11.31
C GLY B 125 -30.43 -25.35 12.74
N GLY B 126 -30.96 -26.46 13.25
CA GLY B 126 -30.71 -26.85 14.62
C GLY B 126 -29.35 -27.46 14.84
N ALA B 127 -28.44 -27.23 13.88
CA ALA B 127 -27.13 -27.87 13.94
C ALA B 127 -26.42 -27.63 15.27
N GLN B 128 -26.62 -26.43 15.84
CA GLN B 128 -26.01 -26.14 17.13
C GLN B 128 -26.61 -26.98 18.25
N ILE B 129 -27.83 -27.49 18.07
CA ILE B 129 -28.49 -28.33 19.07
C ILE B 129 -28.63 -29.74 18.52
N ILE B 130 -27.58 -30.26 17.91
CA ILE B 130 -27.55 -31.63 17.39
C ILE B 130 -26.15 -32.21 17.57
N ASP B 131 -26.02 -33.25 18.39
CA ASP B 131 -24.73 -33.82 18.71
C ASP B 131 -24.47 -35.18 18.08
N LEU B 132 -25.52 -35.93 17.72
CA LEU B 132 -25.35 -37.25 17.13
C LEU B 132 -26.44 -37.46 16.09
N MET B 133 -26.10 -38.21 15.05
CA MET B 133 -27.01 -38.47 13.93
C MET B 133 -27.38 -39.94 13.87
N MET B 134 -28.53 -40.23 13.28
CA MET B 134 -29.02 -41.59 13.10
C MET B 134 -29.35 -41.82 11.64
N LEU B 135 -28.93 -42.97 11.12
CA LEU B 135 -29.17 -43.36 9.73
C LEU B 135 -29.98 -44.65 9.69
N VAL B 136 -30.97 -44.69 8.81
CA VAL B 136 -31.89 -45.82 8.68
C VAL B 136 -31.88 -46.26 7.22
N ILE B 137 -31.16 -47.34 6.92
CA ILE B 137 -31.10 -47.89 5.57
C ILE B 137 -32.23 -48.90 5.38
N ASP B 138 -32.39 -49.38 4.15
CA ASP B 138 -33.43 -50.35 3.80
C ASP B 138 -32.77 -51.63 3.34
N VAL B 139 -32.75 -52.65 4.20
CA VAL B 139 -32.14 -53.92 3.86
C VAL B 139 -32.96 -54.59 2.76
N THR B 140 -32.37 -54.76 1.58
CA THR B 140 -33.05 -55.34 0.44
C THR B 140 -32.12 -55.45 -0.77
N MET B 143 -28.96 -49.01 0.60
CA MET B 143 -28.62 -47.61 0.85
C MET B 143 -28.89 -46.73 -0.36
N GLN B 144 -30.16 -46.40 -0.58
CA GLN B 144 -30.56 -45.61 -1.73
C GLN B 144 -29.95 -44.22 -1.72
N THR B 145 -30.22 -43.42 -2.75
CA THR B 145 -29.52 -42.15 -2.93
C THR B 145 -29.87 -41.14 -1.83
N GLN B 146 -31.11 -41.16 -1.34
CA GLN B 146 -31.48 -40.25 -0.25
C GLN B 146 -30.56 -40.41 0.94
N SER B 147 -30.09 -41.64 1.20
CA SER B 147 -29.13 -41.84 2.28
C SER B 147 -27.83 -41.08 2.02
N ALA B 148 -27.34 -41.14 0.78
CA ALA B 148 -26.11 -40.42 0.46
C ALA B 148 -26.28 -38.91 0.63
N GLU B 149 -27.44 -38.39 0.23
CA GLU B 149 -27.74 -36.97 0.36
C GLU B 149 -27.72 -36.56 1.83
N CYS B 150 -28.65 -37.09 2.61
CA CYS B 150 -28.67 -36.79 4.04
C CYS B 150 -27.35 -37.10 4.72
N LEU B 151 -26.47 -37.87 4.06
CA LEU B 151 -25.18 -38.23 4.66
C LEU B 151 -24.14 -37.12 4.51
N VAL B 152 -24.18 -36.37 3.41
CA VAL B 152 -23.22 -35.28 3.26
C VAL B 152 -23.67 -34.05 4.05
N ILE B 153 -24.97 -33.81 4.11
CA ILE B 153 -25.51 -32.73 4.95
C ILE B 153 -25.13 -32.98 6.41
N GLY B 154 -25.62 -34.09 6.98
CA GLY B 154 -25.25 -34.45 8.33
C GLY B 154 -23.74 -34.46 8.53
N GLN B 155 -23.00 -34.92 7.53
CA GLN B 155 -21.55 -34.81 7.57
C GLN B 155 -21.11 -33.37 7.87
N ILE B 156 -21.94 -32.41 7.51
CA ILE B 156 -21.69 -30.99 7.74
C ILE B 156 -22.11 -30.63 9.16
N ALA B 157 -23.43 -30.67 9.42
CA ALA B 157 -24.00 -30.10 10.64
C ALA B 157 -23.78 -30.97 11.88
N CYS B 158 -23.42 -32.24 11.72
CA CYS B 158 -23.21 -33.13 12.85
C CYS B 158 -21.74 -33.50 12.96
N GLN B 159 -21.43 -34.34 13.95
CA GLN B 159 -20.06 -34.81 14.14
C GLN B 159 -19.94 -36.30 14.38
N LYS B 160 -21.03 -37.05 14.53
CA LYS B 160 -20.97 -38.50 14.67
C LYS B 160 -22.40 -39.04 14.61
N LEU B 161 -22.53 -40.27 14.13
CA LEU B 161 -23.82 -40.90 13.95
C LEU B 161 -23.67 -42.41 14.03
N VAL B 162 -24.80 -43.12 13.90
CA VAL B 162 -24.84 -44.57 13.95
C VAL B 162 -25.64 -45.08 12.75
N VAL B 163 -25.19 -46.19 12.17
CA VAL B 163 -25.77 -46.73 10.94
C VAL B 163 -26.57 -47.97 11.29
N VAL B 164 -27.89 -47.88 11.14
CA VAL B 164 -28.81 -48.97 11.45
C VAL B 164 -29.41 -49.52 10.17
N LEU B 165 -29.59 -50.84 10.12
CA LEU B 165 -30.21 -51.53 8.99
C LEU B 165 -31.54 -52.10 9.45
N ASN B 166 -32.64 -51.56 8.93
CA ASN B 166 -33.97 -51.89 9.39
C ASN B 166 -34.62 -52.95 8.50
N LYS B 167 -35.76 -53.46 8.97
CA LYS B 167 -36.56 -54.44 8.23
C LYS B 167 -35.81 -55.76 8.07
N ILE B 168 -35.27 -56.27 9.19
CA ILE B 168 -34.59 -57.56 9.18
C ILE B 168 -35.62 -58.66 9.34
N ASP B 169 -36.73 -58.55 8.63
CA ASP B 169 -37.66 -59.65 8.47
C ASP B 169 -37.75 -60.13 7.03
N LEU B 170 -37.25 -59.35 6.06
CA LEU B 170 -37.17 -59.78 4.67
C LEU B 170 -36.02 -60.73 4.41
N LEU B 171 -35.16 -60.96 5.39
CA LEU B 171 -34.06 -61.91 5.27
C LEU B 171 -34.29 -63.07 6.22
N PRO B 172 -34.58 -64.28 5.72
CA PRO B 172 -34.79 -65.43 6.63
C PRO B 172 -33.54 -65.76 7.44
N GLU B 173 -33.64 -66.76 8.32
CA GLU B 173 -32.55 -67.12 9.22
C GLU B 173 -31.34 -67.67 8.46
N GLY B 174 -31.39 -67.62 7.13
CA GLY B 174 -30.29 -68.10 6.34
C GLY B 174 -29.35 -67.00 5.88
N LYS B 175 -29.73 -66.29 4.82
CA LYS B 175 -28.91 -65.20 4.30
C LYS B 175 -28.95 -63.96 5.19
N ARG B 176 -29.77 -63.95 6.25
CA ARG B 176 -29.78 -62.80 7.15
C ARG B 176 -28.42 -62.60 7.79
N GLN B 177 -27.91 -63.62 8.47
CA GLN B 177 -26.58 -63.53 9.07
C GLN B 177 -25.53 -63.17 8.04
N ALA B 178 -25.73 -63.59 6.78
CA ALA B 178 -24.73 -63.40 5.73
C ALA B 178 -24.97 -62.13 4.92
N ALA B 179 -26.22 -61.84 4.56
CA ALA B 179 -26.50 -60.61 3.82
C ALA B 179 -26.45 -59.39 4.74
N ILE B 180 -26.85 -59.55 6.01
CA ILE B 180 -26.73 -58.44 6.95
C ILE B 180 -25.28 -58.01 7.07
N ASP B 181 -24.35 -58.96 7.01
CA ASP B 181 -22.93 -58.62 6.98
C ASP B 181 -22.53 -57.96 5.67
N LYS B 182 -23.36 -58.08 4.63
CA LYS B 182 -23.02 -57.53 3.32
C LYS B 182 -22.85 -56.02 3.39
N MET B 183 -23.91 -55.31 3.79
CA MET B 183 -23.84 -53.86 3.87
C MET B 183 -22.80 -53.41 4.89
N THR B 184 -22.58 -54.19 5.95
CA THR B 184 -21.65 -53.79 7.00
C THR B 184 -20.28 -53.49 6.44
N LYS B 185 -19.65 -54.48 5.79
CA LYS B 185 -18.36 -54.25 5.15
C LYS B 185 -18.45 -53.05 4.21
N LYS B 186 -19.54 -52.95 3.45
CA LYS B 186 -19.78 -51.83 2.55
C LYS B 186 -19.55 -50.50 3.24
N MET B 187 -20.51 -50.05 4.04
CA MET B 187 -20.42 -48.73 4.66
C MET B 187 -19.23 -48.65 5.62
N GLN B 188 -18.80 -49.79 6.19
CA GLN B 188 -17.66 -49.77 7.09
C GLN B 188 -16.43 -49.18 6.40
N LYS B 189 -16.27 -49.46 5.11
CA LYS B 189 -15.20 -48.88 4.30
C LYS B 189 -15.72 -47.88 3.27
N THR B 190 -16.97 -48.01 2.84
CA THR B 190 -17.54 -47.05 1.89
C THR B 190 -17.62 -45.65 2.48
N LEU B 191 -17.58 -45.52 3.80
CA LEU B 191 -17.55 -44.23 4.47
C LEU B 191 -16.20 -43.93 5.10
N GLU B 192 -15.19 -44.76 4.85
CA GLU B 192 -13.89 -44.59 5.48
C GLU B 192 -13.24 -43.25 5.13
N ASN B 193 -13.66 -42.62 4.04
CA ASN B 193 -13.14 -41.33 3.64
C ASN B 193 -14.02 -40.17 4.09
N THR B 194 -14.97 -40.43 4.99
CA THR B 194 -15.83 -39.41 5.57
C THR B 194 -15.50 -39.26 7.05
N LYS B 195 -15.51 -38.00 7.52
CA LYS B 195 -15.10 -37.74 8.90
C LYS B 195 -15.76 -38.68 9.88
N PHE B 196 -16.95 -39.18 9.56
CA PHE B 196 -17.64 -40.16 10.39
C PHE B 196 -17.31 -41.59 9.97
N ARG B 197 -16.01 -41.87 9.82
CA ARG B 197 -15.54 -43.15 9.29
C ARG B 197 -15.41 -44.24 10.35
N GLY B 198 -15.61 -43.91 11.62
CA GLY B 198 -15.61 -44.90 12.68
C GLY B 198 -16.97 -45.19 13.28
N ALA B 199 -18.05 -44.76 12.65
CA ALA B 199 -19.38 -44.87 13.20
C ALA B 199 -19.78 -46.34 13.32
N PRO B 200 -20.12 -46.82 14.52
CA PRO B 200 -20.61 -48.19 14.64
C PRO B 200 -21.88 -48.39 13.83
N ILE B 201 -22.17 -49.66 13.50
CA ILE B 201 -23.34 -50.03 12.72
C ILE B 201 -24.04 -51.18 13.41
N ILE B 202 -25.35 -51.29 13.17
CA ILE B 202 -26.18 -52.27 13.88
C ILE B 202 -27.38 -52.67 13.03
N PRO B 203 -27.85 -53.92 13.15
CA PRO B 203 -29.02 -54.34 12.37
C PRO B 203 -30.27 -54.44 13.22
N VAL B 204 -31.45 -54.23 12.65
CA VAL B 204 -32.70 -54.31 13.41
C VAL B 204 -33.89 -54.49 12.50
N ALA B 205 -35.07 -54.74 13.09
CA ALA B 205 -36.30 -54.90 12.33
C ALA B 205 -37.46 -54.47 13.22
N ALA B 206 -38.11 -53.37 12.87
CA ALA B 206 -39.18 -52.85 13.72
C ALA B 206 -40.55 -53.36 13.30
N LYS B 207 -40.93 -53.20 12.03
CA LYS B 207 -42.31 -53.45 11.60
C LYS B 207 -42.38 -54.56 10.55
N PRO B 208 -42.89 -55.74 10.90
CA PRO B 208 -43.09 -56.77 9.88
C PRO B 208 -44.33 -56.48 9.08
N GLY B 209 -45.39 -56.04 9.78
CA GLY B 209 -46.63 -55.65 9.14
C GLY B 209 -46.66 -54.17 8.81
N GLY B 221 -35.86 -57.25 18.16
CA GLY B 221 -34.73 -56.93 19.01
C GLY B 221 -34.19 -55.53 18.73
N ILE B 222 -34.44 -54.60 19.64
CA ILE B 222 -34.20 -53.18 19.37
C ILE B 222 -33.12 -52.59 20.27
N PRO B 223 -33.29 -52.60 21.59
CA PRO B 223 -32.44 -51.79 22.49
C PRO B 223 -30.93 -51.80 22.28
N GLU B 224 -30.33 -52.84 21.68
CA GLU B 224 -28.89 -52.81 21.46
C GLU B 224 -28.51 -51.43 20.96
N LEU B 225 -29.31 -50.92 20.02
CA LEU B 225 -29.16 -49.55 19.56
C LEU B 225 -29.11 -48.57 20.73
N ILE B 226 -30.02 -48.73 21.70
CA ILE B 226 -30.11 -47.78 22.81
C ILE B 226 -29.02 -48.04 23.84
N GLU B 227 -28.87 -49.30 24.27
CA GLU B 227 -27.87 -49.68 25.26
C GLU B 227 -26.52 -49.04 24.94
N LEU B 228 -25.90 -49.46 23.84
CA LEU B 228 -24.62 -48.88 23.46
C LEU B 228 -24.80 -47.45 22.93
N LEU B 229 -25.96 -47.15 22.34
CA LEU B 229 -26.22 -45.83 21.76
C LEU B 229 -25.61 -44.70 22.57
N THR B 230 -26.21 -44.44 23.73
CA THR B 230 -25.75 -43.37 24.60
C THR B 230 -24.27 -43.47 24.91
N SER B 231 -23.65 -44.64 24.68
CA SER B 231 -22.24 -44.81 25.02
C SER B 231 -21.38 -43.67 24.49
N GLN B 232 -21.82 -43.01 23.42
CA GLN B 232 -21.02 -41.98 22.78
C GLN B 232 -21.64 -40.58 22.85
N ILE B 233 -22.87 -40.43 23.34
CA ILE B 233 -23.57 -39.15 23.27
C ILE B 233 -22.97 -38.14 24.25
N SER B 234 -21.74 -38.39 24.68
CA SER B 234 -21.07 -37.50 25.63
C SER B 234 -20.58 -36.22 24.96
N THR B 237 -22.29 -29.50 25.13
CA THR B 237 -22.09 -28.12 25.50
C THR B 237 -23.11 -27.21 24.82
N ARG B 238 -23.66 -26.26 25.58
CA ARG B 238 -24.63 -25.31 25.08
C ARG B 238 -24.37 -23.95 25.70
N ASP B 239 -24.72 -22.90 24.97
CA ASP B 239 -24.46 -21.52 25.38
C ASP B 239 -25.76 -20.73 25.33
N PRO B 240 -26.18 -20.11 26.42
CA PRO B 240 -27.43 -19.32 26.44
C PRO B 240 -27.25 -17.82 26.22
N SER B 241 -26.04 -17.36 25.87
CA SER B 241 -25.75 -15.94 25.75
C SER B 241 -26.23 -15.33 24.43
N GLY B 242 -26.58 -16.15 23.45
CA GLY B 242 -27.01 -15.64 22.18
C GLY B 242 -28.45 -15.15 22.23
N PRO B 243 -28.91 -14.62 21.09
CA PRO B 243 -30.32 -14.24 20.98
C PRO B 243 -31.21 -15.47 20.98
N PHE B 244 -32.43 -15.28 21.49
CA PHE B 244 -33.37 -16.39 21.60
C PHE B 244 -33.76 -16.90 20.21
N LEU B 245 -33.94 -18.21 20.11
CA LEU B 245 -34.38 -18.85 18.86
C LEU B 245 -34.99 -20.19 19.20
N MET B 246 -36.24 -20.40 18.79
CA MET B 246 -36.98 -21.62 19.11
C MET B 246 -37.67 -22.13 17.86
N SER B 247 -37.54 -23.44 17.61
CA SER B 247 -38.12 -24.09 16.43
C SER B 247 -39.35 -24.88 16.87
N VAL B 248 -40.52 -24.27 16.70
CA VAL B 248 -41.77 -24.92 17.07
C VAL B 248 -42.01 -26.15 16.22
N MET B 261 -47.51 -24.14 20.45
CA MET B 261 -46.57 -25.14 19.98
C MET B 261 -45.47 -25.41 21.00
N THR B 262 -44.47 -26.21 20.60
CA THR B 262 -43.35 -26.55 21.47
C THR B 262 -42.19 -27.03 20.62
N GLY B 263 -41.01 -26.42 20.80
CA GLY B 263 -39.84 -26.79 20.03
C GLY B 263 -38.59 -26.98 20.87
N THR B 264 -37.43 -26.86 20.25
CA THR B 264 -36.15 -27.00 20.93
C THR B 264 -35.41 -25.66 20.92
N ILE B 265 -34.89 -25.27 22.08
CA ILE B 265 -34.16 -24.01 22.21
C ILE B 265 -32.76 -24.22 21.64
N LEU B 266 -32.50 -23.68 20.45
CA LEU B 266 -31.20 -23.82 19.82
C LEU B 266 -30.23 -22.76 20.33
N SER B 267 -30.66 -21.51 20.38
CA SER B 267 -29.81 -20.40 20.80
C SER B 267 -30.54 -19.56 21.84
N GLY B 268 -29.76 -18.99 22.74
CA GLY B 268 -30.31 -18.10 23.75
C GLY B 268 -30.75 -18.82 25.00
N SER B 269 -31.62 -18.15 25.74
CA SER B 269 -32.17 -18.68 26.98
C SER B 269 -33.47 -17.94 27.28
N ILE B 270 -34.28 -18.53 28.16
CA ILE B 270 -35.64 -18.04 28.37
C ILE B 270 -35.90 -17.72 29.84
N SER B 271 -37.15 -17.41 30.16
CA SER B 271 -37.59 -17.10 31.51
C SER B 271 -39.05 -16.66 31.48
N LEU B 272 -39.80 -16.96 32.54
CA LEU B 272 -41.20 -16.57 32.59
C LEU B 272 -41.34 -15.07 32.42
N GLY B 273 -42.40 -14.64 31.73
CA GLY B 273 -42.63 -13.23 31.48
C GLY B 273 -41.84 -12.64 30.33
N ASP B 274 -40.89 -13.38 29.75
CA ASP B 274 -40.16 -12.86 28.61
C ASP B 274 -41.11 -12.64 27.43
N SER B 275 -40.63 -11.89 26.44
CA SER B 275 -41.39 -11.65 25.23
C SER B 275 -40.84 -12.52 24.10
N VAL B 276 -41.75 -12.96 23.23
CA VAL B 276 -41.38 -13.81 22.11
C VAL B 276 -42.00 -13.27 20.83
N GLU B 277 -41.31 -13.51 19.71
CA GLU B 277 -41.74 -13.04 18.41
C GLU B 277 -42.15 -14.21 17.52
N ILE B 278 -43.10 -13.95 16.63
CA ILE B 278 -43.56 -14.94 15.66
C ILE B 278 -43.55 -14.31 14.28
N PRO B 279 -42.42 -14.34 13.57
CA PRO B 279 -42.35 -13.63 12.28
C PRO B 279 -43.33 -14.15 11.25
N ALA B 280 -43.81 -15.39 11.37
CA ALA B 280 -44.80 -15.89 10.43
C ALA B 280 -46.12 -15.14 10.57
N LEU B 281 -46.52 -14.81 11.81
CA LEU B 281 -47.75 -14.09 12.06
C LEU B 281 -47.56 -12.59 12.20
N LYS B 282 -46.31 -12.13 12.38
CA LYS B 282 -46.04 -10.71 12.54
C LYS B 282 -46.40 -9.99 13.83
N VAL B 283 -46.08 -10.60 14.97
CA VAL B 283 -46.36 -10.01 16.28
C VAL B 283 -45.44 -10.58 17.35
N VAL B 284 -45.50 -10.00 18.56
CA VAL B 284 -44.75 -10.47 19.71
C VAL B 284 -45.73 -10.79 20.83
N LYS B 285 -45.69 -12.01 21.34
CA LYS B 285 -46.56 -12.45 22.41
C LYS B 285 -45.76 -12.57 23.71
N LYS B 286 -46.45 -12.92 24.79
CA LYS B 286 -45.86 -13.06 26.10
C LYS B 286 -45.96 -14.51 26.56
N VAL B 287 -44.94 -14.96 27.29
CA VAL B 287 -44.88 -16.35 27.76
C VAL B 287 -45.65 -16.40 29.07
N LYS B 288 -46.92 -16.78 28.97
CA LYS B 288 -47.75 -16.93 30.17
C LYS B 288 -47.16 -17.99 31.10
N SER B 289 -46.76 -19.13 30.55
CA SER B 289 -46.15 -20.20 31.32
C SER B 289 -45.58 -21.23 30.37
N MET B 290 -44.70 -22.07 30.90
CA MET B 290 -44.11 -23.17 30.15
C MET B 290 -44.16 -24.44 30.99
N GLN B 291 -44.18 -25.58 30.31
CA GLN B 291 -44.32 -26.86 30.99
C GLN B 291 -43.65 -27.95 30.17
N MET B 292 -42.66 -28.61 30.76
CA MET B 292 -41.96 -29.72 30.12
C MET B 292 -41.85 -30.86 31.13
N PHE B 293 -42.46 -32.00 30.81
CA PHE B 293 -42.49 -33.18 31.68
C PHE B 293 -43.12 -32.71 32.99
N HIS B 294 -42.48 -32.90 34.15
CA HIS B 294 -42.91 -32.21 35.36
C HIS B 294 -43.01 -30.71 35.10
N MET B 295 -44.15 -30.13 35.47
CA MET B 295 -44.54 -28.79 35.05
C MET B 295 -43.58 -27.66 35.45
N PRO B 296 -42.71 -27.84 36.44
CA PRO B 296 -41.78 -26.75 36.77
C PRO B 296 -41.07 -26.20 35.55
N ILE B 297 -40.91 -24.87 35.53
CA ILE B 297 -40.24 -24.19 34.44
C ILE B 297 -40.12 -22.74 34.89
N THR B 298 -38.88 -22.25 34.98
CA THR B 298 -38.60 -20.83 35.19
C THR B 298 -37.80 -20.29 34.02
N SER B 299 -36.82 -21.07 33.55
CA SER B 299 -36.04 -20.72 32.38
C SER B 299 -35.51 -22.01 31.76
N ALA B 300 -35.37 -22.00 30.45
CA ALA B 300 -34.71 -23.08 29.72
C ALA B 300 -33.40 -22.57 29.14
N MET B 301 -32.62 -23.49 28.60
CA MET B 301 -31.36 -23.13 27.95
C MET B 301 -31.36 -23.61 26.50
N GLN B 302 -30.18 -23.80 25.94
CA GLN B 302 -30.07 -24.32 24.57
C GLN B 302 -30.21 -25.84 24.59
N GLY B 303 -30.78 -26.37 23.50
CA GLY B 303 -30.98 -27.80 23.36
C GLY B 303 -32.16 -28.36 24.11
N ASP B 304 -32.65 -27.69 25.14
CA ASP B 304 -33.82 -28.16 25.87
C ASP B 304 -35.04 -28.23 24.95
N ARG B 305 -36.07 -28.93 25.40
CA ARG B 305 -37.29 -29.12 24.63
C ARG B 305 -38.49 -28.99 25.57
N LEU B 306 -39.10 -27.81 25.58
CA LEU B 306 -40.25 -27.52 26.44
C LEU B 306 -41.33 -26.85 25.61
N GLY B 307 -42.44 -26.52 26.26
CA GLY B 307 -43.56 -25.88 25.60
C GLY B 307 -43.94 -24.56 26.22
N ILE B 308 -44.15 -23.54 25.39
CA ILE B 308 -44.41 -22.19 25.85
C ILE B 308 -45.91 -21.94 25.75
N CYS B 309 -46.56 -21.80 26.90
CA CYS B 309 -47.98 -21.42 26.94
C CYS B 309 -48.11 -19.92 26.71
N VAL B 310 -48.82 -19.53 25.66
CA VAL B 310 -48.92 -18.15 25.24
C VAL B 310 -50.39 -17.81 25.02
N THR B 311 -50.63 -16.53 24.71
CA THR B 311 -51.97 -16.01 24.46
C THR B 311 -52.77 -16.93 23.55
N GLN B 312 -54.10 -16.88 23.67
CA GLN B 312 -54.97 -17.80 22.94
C GLN B 312 -55.09 -17.43 21.47
N PHE B 313 -53.96 -17.14 20.83
CA PHE B 313 -53.95 -16.89 19.40
C PHE B 313 -54.36 -18.15 18.63
N ASP B 314 -54.58 -17.98 17.33
CA ASP B 314 -55.05 -19.08 16.48
C ASP B 314 -53.95 -20.12 16.28
N PRO B 315 -54.02 -21.25 17.01
CA PRO B 315 -52.98 -22.29 16.90
C PRO B 315 -53.13 -23.14 15.63
N LYS B 316 -53.22 -22.47 14.48
CA LYS B 316 -53.41 -23.14 13.20
C LYS B 316 -52.54 -22.52 12.12
N LEU B 317 -52.42 -21.19 12.12
CA LEU B 317 -51.62 -20.50 11.12
C LEU B 317 -50.13 -20.86 11.20
N LEU B 318 -49.70 -21.53 12.27
CA LEU B 318 -48.30 -21.93 12.42
C LEU B 318 -48.27 -23.26 13.16
N GLU B 319 -48.07 -24.34 12.42
CA GLU B 319 -47.93 -25.68 13.00
C GLU B 319 -46.48 -26.16 13.04
N ARG B 320 -45.54 -25.37 12.52
CA ARG B 320 -44.12 -25.74 12.59
C ARG B 320 -43.53 -24.45 12.05
N GLY B 321 -42.79 -23.75 12.90
CA GLY B 321 -42.19 -22.48 12.52
C GLY B 321 -41.19 -22.11 13.59
N LEU B 322 -40.29 -21.18 13.28
CA LEU B 322 -39.26 -20.77 14.23
C LEU B 322 -39.69 -19.53 14.99
N VAL B 323 -39.66 -19.59 16.33
CA VAL B 323 -40.05 -18.47 17.15
C VAL B 323 -38.79 -17.95 17.80
N CYS B 324 -38.77 -16.68 18.22
CA CYS B 324 -37.54 -16.20 18.82
C CYS B 324 -37.82 -14.84 19.47
N ALA B 325 -36.76 -14.20 19.96
CA ALA B 325 -36.88 -12.87 20.51
C ALA B 325 -37.33 -11.89 19.41
N PRO B 326 -37.88 -10.75 19.79
CA PRO B 326 -38.28 -9.76 18.78
C PRO B 326 -37.07 -9.08 18.16
N GLU B 327 -37.25 -8.66 16.90
CA GLU B 327 -36.20 -7.94 16.17
C GLU B 327 -34.87 -8.67 16.22
N SER B 328 -34.92 -10.00 16.37
CA SER B 328 -33.71 -10.82 16.41
C SER B 328 -33.37 -11.40 15.04
N LEU B 329 -34.37 -11.74 14.24
CA LEU B 329 -34.19 -12.28 12.90
C LEU B 329 -34.57 -11.21 11.89
N HIS B 330 -33.57 -10.68 11.19
CA HIS B 330 -33.77 -9.57 10.26
C HIS B 330 -33.97 -10.09 8.84
N THR B 331 -34.77 -9.36 8.07
CA THR B 331 -35.00 -9.68 6.68
C THR B 331 -33.84 -9.18 5.82
N VAL B 332 -33.59 -9.89 4.72
CA VAL B 332 -32.39 -9.67 3.91
C VAL B 332 -32.73 -9.71 2.43
N HIS B 333 -31.95 -8.97 1.64
CA HIS B 333 -32.05 -9.01 0.18
C HIS B 333 -30.80 -9.56 -0.49
N ALA B 334 -29.69 -9.68 0.24
CA ALA B 334 -28.46 -10.23 -0.30
C ALA B 334 -27.51 -10.51 0.85
N ALA B 335 -26.68 -11.54 0.69
CA ALA B 335 -25.84 -12.03 1.78
C ALA B 335 -24.43 -12.30 1.28
N LEU B 336 -23.46 -12.13 2.18
CA LEU B 336 -22.05 -12.40 1.93
C LEU B 336 -21.63 -13.55 2.84
N ILE B 337 -21.43 -14.72 2.25
CA ILE B 337 -21.22 -15.95 3.00
C ILE B 337 -19.83 -16.49 2.71
N SER B 338 -19.32 -17.28 3.65
CA SER B 338 -18.14 -18.08 3.38
C SER B 338 -18.57 -19.37 2.67
N VAL B 339 -17.59 -20.09 2.11
CA VAL B 339 -17.90 -21.28 1.32
C VAL B 339 -16.87 -22.37 1.57
N GLU B 340 -17.30 -23.61 1.36
CA GLU B 340 -16.42 -24.78 1.40
C GLU B 340 -17.09 -25.85 0.54
N LYS B 341 -16.55 -26.06 -0.66
CA LYS B 341 -17.20 -26.94 -1.63
C LYS B 341 -17.38 -28.34 -1.06
N ILE B 342 -18.45 -28.99 -1.48
CA ILE B 342 -18.76 -30.36 -1.10
C ILE B 342 -17.85 -31.29 -1.89
N PRO B 343 -16.97 -32.02 -1.23
CA PRO B 343 -15.93 -32.77 -1.98
C PRO B 343 -16.46 -33.57 -3.15
N TYR B 344 -17.51 -34.35 -2.93
CA TYR B 344 -18.06 -35.21 -3.98
C TYR B 344 -19.02 -34.47 -4.92
N PHE B 345 -18.70 -33.24 -5.29
CA PHE B 345 -19.56 -32.45 -6.17
C PHE B 345 -19.07 -32.55 -7.61
N ARG B 346 -20.01 -32.84 -8.52
CA ARG B 346 -19.69 -33.01 -9.93
C ARG B 346 -19.52 -31.63 -10.57
N GLY B 347 -18.26 -31.21 -10.73
CA GLY B 347 -17.96 -29.99 -11.45
C GLY B 347 -17.46 -28.85 -10.58
N PRO B 348 -16.96 -27.80 -11.22
CA PRO B 348 -16.45 -26.65 -10.45
C PRO B 348 -17.56 -25.74 -9.98
N LEU B 349 -17.21 -24.53 -9.52
CA LEU B 349 -18.17 -23.57 -8.99
C LEU B 349 -17.99 -22.25 -9.73
N GLN B 350 -18.83 -22.02 -10.74
CA GLN B 350 -18.67 -20.90 -11.65
C GLN B 350 -19.37 -19.65 -11.10
N THR B 351 -18.70 -18.52 -11.25
CA THR B 351 -19.23 -17.24 -10.80
C THR B 351 -20.30 -16.73 -11.76
N LYS B 352 -21.27 -16.03 -11.21
CA LYS B 352 -22.43 -15.46 -11.90
C LYS B 352 -23.55 -16.48 -12.02
N ALA B 353 -23.39 -17.68 -11.47
CA ALA B 353 -24.38 -18.74 -11.60
C ALA B 353 -25.57 -18.49 -10.67
N LYS B 354 -26.66 -19.22 -10.93
CA LYS B 354 -27.92 -19.09 -10.18
C LYS B 354 -28.19 -20.41 -9.46
N PHE B 355 -27.87 -20.45 -8.16
CA PHE B 355 -28.04 -21.65 -7.36
C PHE B 355 -29.41 -21.64 -6.67
N HIS B 356 -29.60 -22.62 -5.79
CA HIS B 356 -30.82 -22.76 -5.01
C HIS B 356 -30.30 -22.92 -3.62
N ILE B 357 -30.37 -21.85 -2.85
CA ILE B 357 -29.83 -21.86 -1.51
C ILE B 357 -30.86 -22.07 -0.43
N THR B 358 -30.38 -22.67 0.63
CA THR B 358 -31.17 -22.93 1.80
C THR B 358 -30.25 -22.50 2.89
N VAL B 359 -30.51 -21.31 3.42
CA VAL B 359 -29.60 -20.70 4.38
C VAL B 359 -29.80 -21.03 5.83
N GLY B 360 -29.51 -22.26 6.17
CA GLY B 360 -29.67 -22.69 7.53
C GLY B 360 -31.14 -22.60 7.80
N HIS B 361 -31.88 -23.58 7.31
CA HIS B 361 -33.30 -23.64 7.55
C HIS B 361 -34.47 -22.94 6.84
N GLU B 362 -34.22 -22.56 5.58
CA GLU B 362 -35.13 -21.86 4.64
C GLU B 362 -34.54 -21.97 3.22
N THR B 363 -35.35 -22.14 2.17
CA THR B 363 -34.74 -22.30 0.85
C THR B 363 -35.35 -21.30 -0.12
N VAL B 364 -34.54 -20.81 -1.04
CA VAL B 364 -35.00 -19.88 -2.07
C VAL B 364 -33.97 -19.82 -3.18
N MET B 365 -34.46 -19.73 -4.42
CA MET B 365 -33.57 -19.49 -5.54
C MET B 365 -32.92 -18.12 -5.39
N GLY B 366 -31.80 -17.94 -6.09
CA GLY B 366 -31.08 -16.67 -6.03
C GLY B 366 -30.16 -16.43 -7.20
N ARG B 367 -29.01 -15.82 -6.93
CA ARG B 367 -27.96 -15.63 -7.93
C ARG B 367 -26.63 -15.75 -7.18
N LEU B 368 -25.54 -15.19 -7.70
CA LEU B 368 -24.29 -15.33 -6.94
C LEU B 368 -23.15 -14.56 -7.62
N MET B 369 -22.00 -14.58 -6.95
CA MET B 369 -20.69 -14.12 -7.38
C MET B 369 -19.69 -14.54 -6.32
N PHE B 370 -18.45 -14.79 -6.73
CA PHE B 370 -17.44 -15.35 -5.84
C PHE B 370 -16.36 -14.33 -5.53
N PHE B 371 -15.37 -14.78 -4.75
CA PHE B 371 -14.20 -13.97 -4.40
C PHE B 371 -13.31 -14.72 -3.43
N SER B 372 -12.08 -14.27 -3.28
CA SER B 372 -11.11 -14.92 -2.40
C SER B 372 -10.11 -13.88 -1.93
N PRO B 373 -9.27 -14.22 -0.96
CA PRO B 373 -8.36 -13.23 -0.38
C PRO B 373 -7.20 -12.86 -1.29
N ALA B 374 -6.29 -11.93 -0.77
CA ALA B 374 -5.11 -11.45 -1.49
C ALA B 374 -3.89 -12.31 -1.19
N PRO B 375 -3.04 -12.47 -2.21
CA PRO B 375 -1.98 -13.49 -2.21
C PRO B 375 -1.19 -13.78 -0.94
N ASP B 376 -0.72 -12.77 -0.19
CA ASP B 376 0.06 -13.09 1.00
C ASP B 376 -0.85 -13.49 2.16
N ASN B 377 -1.80 -12.62 2.49
CA ASN B 377 -2.93 -13.00 3.33
C ASN B 377 -3.76 -14.13 2.73
N PHE B 378 -3.53 -14.49 1.46
CA PHE B 378 -4.23 -15.60 0.83
C PHE B 378 -4.16 -16.84 1.72
N ASP B 379 -3.24 -16.82 2.69
CA ASP B 379 -3.20 -17.82 3.74
C ASP B 379 -3.62 -17.25 5.09
N GLN B 380 -4.45 -16.20 5.08
CA GLN B 380 -5.07 -15.75 6.31
C GLN B 380 -5.99 -16.84 6.85
N GLU B 381 -5.94 -17.05 8.17
CA GLU B 381 -6.72 -18.12 8.77
C GLU B 381 -8.21 -17.94 8.45
N PRO B 382 -9.00 -18.98 8.67
CA PRO B 382 -10.46 -18.85 8.49
C PRO B 382 -11.13 -18.08 9.61
N ILE B 383 -11.58 -16.87 9.31
CA ILE B 383 -12.37 -16.07 10.26
C ILE B 383 -13.83 -16.37 9.92
N LEU B 384 -14.35 -17.43 10.52
CA LEU B 384 -15.71 -17.88 10.27
C LEU B 384 -16.73 -17.23 11.22
N ASP B 385 -16.30 -16.27 12.01
CA ASP B 385 -17.19 -15.51 12.89
C ASP B 385 -17.20 -14.02 12.62
N SER B 386 -16.10 -13.46 12.11
CA SER B 386 -16.00 -12.05 11.75
C SER B 386 -15.66 -11.91 10.27
N PHE B 387 -15.49 -10.67 9.83
CA PHE B 387 -15.18 -10.38 8.44
C PHE B 387 -14.84 -8.90 8.25
N ASN B 388 -13.65 -8.62 7.72
CA ASN B 388 -13.17 -7.25 7.57
CA ASN B 388 -13.16 -7.26 7.57
C ASN B 388 -13.66 -6.67 6.25
N PHE B 389 -14.36 -5.54 6.33
CA PHE B 389 -14.90 -4.86 5.16
C PHE B 389 -13.95 -3.80 4.62
N SER B 390 -12.75 -3.69 5.19
CA SER B 390 -11.75 -2.76 4.67
C SER B 390 -10.78 -3.41 3.71
N GLN B 391 -10.52 -4.71 3.88
CA GLN B 391 -9.58 -5.42 3.03
C GLN B 391 -10.09 -5.54 1.60
N GLU B 392 -9.16 -5.56 0.66
CA GLU B 392 -9.46 -5.81 -0.74
C GLU B 392 -9.41 -7.31 -0.99
N TYR B 393 -10.38 -7.81 -1.74
CA TYR B 393 -10.50 -9.24 -2.02
C TYR B 393 -10.51 -9.48 -3.52
N LEU B 394 -9.86 -10.57 -3.94
CA LEU B 394 -9.66 -10.84 -5.36
C LEU B 394 -10.88 -11.54 -5.95
N PHE B 395 -11.31 -11.06 -7.12
CA PHE B 395 -12.40 -11.70 -7.85
C PHE B 395 -11.93 -13.02 -8.44
N GLN B 396 -12.66 -14.09 -8.14
CA GLN B 396 -12.44 -15.39 -8.76
C GLN B 396 -13.72 -15.77 -9.49
N GLU B 397 -13.58 -16.15 -10.77
CA GLU B 397 -14.74 -16.61 -11.52
C GLU B 397 -15.08 -18.07 -11.24
N GLN B 398 -14.25 -18.76 -10.46
CA GLN B 398 -14.51 -20.13 -10.03
C GLN B 398 -13.98 -20.30 -8.62
N TYR B 399 -14.71 -21.09 -7.81
CA TYR B 399 -14.19 -21.49 -6.52
C TYR B 399 -12.87 -22.23 -6.73
N LEU B 400 -11.76 -21.64 -6.32
CA LEU B 400 -10.46 -22.28 -6.48
C LEU B 400 -10.48 -23.66 -5.85
N SER B 401 -9.93 -24.63 -6.57
CA SER B 401 -9.87 -26.02 -6.12
C SER B 401 -11.25 -26.54 -5.76
N PRO B 427 -5.21 -21.83 -1.75
CA PRO B 427 -6.50 -21.43 -1.17
C PRO B 427 -6.68 -21.94 0.25
N ARG B 428 -7.42 -21.20 1.06
CA ARG B 428 -7.67 -21.59 2.44
C ARG B 428 -9.09 -21.24 2.87
N GLN B 429 -9.71 -20.32 2.14
CA GLN B 429 -11.07 -19.89 2.44
C GLN B 429 -11.50 -18.84 1.43
N GLN B 430 -12.75 -18.93 0.98
CA GLN B 430 -13.28 -17.97 0.03
C GLN B 430 -14.76 -17.80 0.26
N TRP B 431 -15.27 -16.62 -0.12
CA TRP B 431 -16.65 -16.26 0.16
C TRP B 431 -17.41 -16.02 -1.13
N ALA B 432 -18.44 -15.18 -1.08
CA ALA B 432 -19.27 -14.94 -2.26
C ALA B 432 -20.45 -14.06 -1.90
N LEU B 433 -20.97 -13.32 -2.87
CA LEU B 433 -22.17 -12.51 -2.71
C LEU B 433 -23.34 -13.23 -3.35
N VAL B 434 -24.51 -13.15 -2.70
CA VAL B 434 -25.68 -13.90 -3.10
C VAL B 434 -26.81 -12.93 -3.42
N GLU B 435 -27.38 -13.08 -4.60
CA GLU B 435 -28.43 -12.19 -5.11
C GLU B 435 -29.76 -12.96 -5.10
N PHE B 436 -30.49 -12.87 -3.99
CA PHE B 436 -31.77 -13.55 -3.88
C PHE B 436 -32.85 -12.75 -4.61
N GLU B 437 -33.65 -13.43 -5.44
CA GLU B 437 -34.79 -12.77 -6.05
C GLU B 437 -35.82 -12.37 -4.99
N LYS B 438 -36.12 -13.28 -4.05
CA LYS B 438 -37.02 -13.02 -2.95
C LYS B 438 -36.24 -12.60 -1.71
N PRO B 439 -36.70 -11.57 -1.00
CA PRO B 439 -35.98 -11.10 0.19
C PRO B 439 -36.24 -11.95 1.42
N VAL B 440 -35.38 -12.93 1.68
CA VAL B 440 -35.56 -13.85 2.79
C VAL B 440 -35.21 -13.16 4.10
N THR B 441 -35.36 -13.88 5.21
CA THR B 441 -35.11 -13.33 6.54
C THR B 441 -34.67 -14.46 7.46
N CYS B 442 -33.60 -14.23 8.24
CA CYS B 442 -33.06 -15.31 9.06
C CYS B 442 -32.02 -14.82 10.06
N PRO B 443 -31.58 -15.68 10.97
CA PRO B 443 -30.66 -15.25 12.04
C PRO B 443 -29.26 -14.96 11.52
N ARG B 444 -28.45 -14.41 12.41
CA ARG B 444 -27.05 -14.14 12.12
C ARG B 444 -26.23 -15.43 12.18
N LEU B 445 -25.39 -15.63 11.17
CA LEU B 445 -24.44 -16.75 11.15
C LEU B 445 -25.13 -18.10 11.02
N CYS B 446 -26.24 -18.16 10.28
CA CYS B 446 -26.96 -19.42 10.08
C CYS B 446 -26.28 -20.21 8.96
N LEU B 447 -25.77 -21.40 9.30
CA LEU B 447 -24.99 -22.23 8.39
C LEU B 447 -25.63 -22.39 7.01
N VAL B 448 -24.99 -21.81 5.99
CA VAL B 448 -25.56 -21.70 4.64
C VAL B 448 -25.34 -22.97 3.84
N ILE B 449 -26.31 -23.29 2.97
CA ILE B 449 -26.15 -24.35 1.98
C ILE B 449 -27.08 -24.06 0.81
N GLY B 450 -26.69 -24.53 -0.37
CA GLY B 450 -27.49 -24.39 -1.58
C GLY B 450 -26.85 -25.13 -2.74
N SER B 451 -27.66 -25.65 -3.66
CA SER B 451 -27.11 -26.47 -4.73
C SER B 451 -28.15 -26.69 -5.83
N ARG B 452 -27.65 -26.83 -7.06
CA ARG B 452 -28.50 -27.10 -8.21
C ARG B 452 -27.66 -27.64 -9.37
N CYS B 462 -23.72 -35.01 -8.07
CA CYS B 462 -24.00 -34.83 -6.65
C CYS B 462 -24.65 -33.48 -6.40
N ARG B 463 -25.99 -33.49 -6.27
CA ARG B 463 -26.76 -32.26 -6.14
C ARG B 463 -26.10 -31.25 -5.19
N LEU B 464 -25.81 -31.69 -3.96
CA LEU B 464 -25.15 -30.83 -2.99
C LEU B 464 -23.91 -30.19 -3.59
N ALA B 465 -23.86 -28.86 -3.56
CA ALA B 465 -22.72 -28.11 -4.10
C ALA B 465 -21.71 -27.80 -3.00
N PHE B 466 -22.12 -27.00 -2.03
CA PHE B 466 -21.20 -26.46 -1.03
C PHE B 466 -21.97 -26.20 0.27
N HIS B 467 -21.22 -25.94 1.33
CA HIS B 467 -21.79 -25.55 2.62
C HIS B 467 -21.12 -24.25 3.07
N GLY B 468 -21.94 -23.23 3.31
CA GLY B 468 -21.45 -21.94 3.75
C GLY B 468 -22.04 -21.55 5.09
N ILE B 469 -21.42 -20.57 5.71
CA ILE B 469 -21.95 -19.90 6.89
C ILE B 469 -22.13 -18.43 6.53
N LEU B 470 -23.20 -17.82 7.03
CA LEU B 470 -23.47 -16.42 6.74
C LEU B 470 -22.66 -15.56 7.70
N LEU B 471 -21.58 -14.96 7.20
CA LEU B 471 -20.75 -14.09 8.01
C LEU B 471 -21.25 -12.66 8.06
N HIS B 472 -22.20 -12.29 7.20
CA HIS B 472 -22.72 -10.93 7.15
C HIS B 472 -23.86 -10.84 6.15
N GLY B 473 -24.92 -10.12 6.50
CA GLY B 473 -26.09 -10.03 5.65
C GLY B 473 -26.51 -8.60 5.39
N LEU B 474 -26.94 -8.34 4.16
CA LEU B 474 -27.48 -7.04 3.81
C LEU B 474 -28.96 -6.97 4.20
N GLU B 475 -29.50 -5.75 4.22
CA GLU B 475 -30.88 -5.58 4.61
C GLU B 475 -31.60 -4.57 3.72
N ASP B 476 -31.00 -3.40 3.51
CA ASP B 476 -31.63 -2.38 2.67
C ASP B 476 -32.00 -2.96 1.32
N ARG B 477 -33.23 -2.65 0.87
CA ARG B 477 -33.67 -3.14 -0.43
C ARG B 477 -32.69 -2.75 -1.52
N ASN B 478 -32.21 -1.51 -1.51
CA ASN B 478 -31.25 -1.03 -2.49
C ASN B 478 -29.83 -1.22 -1.99
N TYR B 479 -29.49 -2.48 -1.73
CA TYR B 479 -28.13 -2.86 -1.38
C TYR B 479 -27.15 -2.45 -2.48
N ALA B 480 -27.56 -2.56 -3.74
CA ALA B 480 -26.65 -2.28 -4.84
C ALA B 480 -26.06 -0.88 -4.74
N ASP B 481 -26.92 0.13 -4.59
CA ASP B 481 -26.48 1.52 -4.52
C ASP B 481 -26.17 1.98 -3.09
N SER B 482 -26.23 1.08 -2.11
CA SER B 482 -26.06 1.44 -0.71
C SER B 482 -24.71 1.00 -0.16
N PHE B 483 -24.42 -0.31 -0.17
CA PHE B 483 -23.24 -0.86 0.47
C PHE B 483 -22.25 -1.47 -0.50
N LEU B 484 -22.68 -1.84 -1.71
CA LEU B 484 -21.84 -2.54 -2.69
C LEU B 484 -20.51 -1.80 -2.91
N PRO B 485 -20.53 -0.54 -3.33
CA PRO B 485 -19.27 0.17 -3.56
C PRO B 485 -18.29 0.10 -2.41
N ARG B 486 -18.78 -0.09 -1.19
CA ARG B 486 -17.90 -0.13 -0.01
C ARG B 486 -16.99 -1.34 -0.01
N LEU B 487 -17.27 -2.35 -0.83
CA LEU B 487 -16.47 -3.57 -0.85
C LEU B 487 -15.28 -3.42 -1.80
N LYS B 488 -14.12 -3.89 -1.36
CA LYS B 488 -12.88 -3.75 -2.10
C LYS B 488 -12.54 -5.08 -2.77
N VAL B 489 -13.07 -5.30 -3.96
CA VAL B 489 -12.78 -6.48 -4.77
C VAL B 489 -12.20 -6.00 -6.09
N TYR B 490 -10.90 -6.23 -6.28
CA TYR B 490 -10.16 -5.63 -7.39
C TYR B 490 -10.11 -6.61 -8.57
N LYS B 491 -10.58 -6.15 -9.73
CA LYS B 491 -10.39 -6.87 -10.98
C LYS B 491 -9.03 -6.47 -11.55
N LEU B 492 -7.98 -7.00 -10.92
CA LEU B 492 -6.62 -6.82 -11.41
C LEU B 492 -6.51 -7.32 -12.85
N LYS B 493 -6.57 -6.41 -13.82
CA LYS B 493 -6.59 -6.77 -15.23
C LYS B 493 -5.25 -6.43 -15.88
N HIS B 494 -4.82 -7.29 -16.81
CA HIS B 494 -3.51 -7.16 -17.45
C HIS B 494 -3.65 -6.73 -18.91
N LYS B 495 -2.66 -5.97 -19.36
CA LYS B 495 -2.50 -5.63 -20.77
C LYS B 495 -1.03 -5.76 -21.11
N HIS B 496 -0.74 -6.24 -22.31
CA HIS B 496 0.62 -6.53 -22.70
C HIS B 496 1.00 -5.79 -23.99
N GLY B 497 2.30 -5.52 -24.13
CA GLY B 497 2.77 -4.56 -25.11
C GLY B 497 4.05 -4.99 -25.79
N LEU B 498 4.32 -4.32 -26.92
CA LEU B 498 5.57 -4.47 -27.65
C LEU B 498 6.18 -3.09 -27.89
N VAL B 499 7.50 -3.00 -27.71
CA VAL B 499 8.23 -1.73 -27.71
C VAL B 499 9.02 -1.63 -29.01
N GLU B 500 8.74 -0.58 -29.79
CA GLU B 500 9.30 -0.40 -31.13
C GLU B 500 10.77 0.05 -31.18
N ARG B 501 11.03 1.29 -30.79
CA ARG B 501 12.39 1.82 -30.79
C ARG B 501 12.59 2.66 -29.54
N ALA B 502 13.75 3.29 -29.41
CA ALA B 502 14.04 4.12 -28.26
C ALA B 502 14.47 5.50 -28.71
N MET B 503 13.95 6.53 -28.04
CA MET B 503 14.25 7.92 -28.36
C MET B 503 15.34 8.52 -27.48
N ASP B 504 15.56 7.98 -26.29
CA ASP B 504 16.61 8.45 -25.40
C ASP B 504 17.07 7.28 -24.55
N ASP B 505 18.06 7.53 -23.70
CA ASP B 505 18.40 6.57 -22.66
C ASP B 505 17.38 6.58 -21.52
N TYR B 506 16.28 7.32 -21.70
CA TYR B 506 15.16 7.34 -20.75
C TYR B 506 13.82 7.19 -21.45
N SER B 507 13.77 6.58 -22.64
CA SER B 507 12.54 6.55 -23.41
C SER B 507 12.42 5.22 -24.16
N VAL B 508 11.27 5.06 -24.81
CA VAL B 508 10.90 3.85 -25.54
C VAL B 508 9.55 4.08 -26.19
N ILE B 509 9.40 3.68 -27.45
CA ILE B 509 8.12 3.73 -28.13
C ILE B 509 7.48 2.34 -28.07
N GLY B 510 6.15 2.31 -28.13
CA GLY B 510 5.44 1.05 -28.10
C GLY B 510 3.93 1.19 -28.07
N ARG B 511 3.24 0.07 -27.92
CA ARG B 511 1.79 0.04 -27.87
C ARG B 511 1.58 -1.47 -27.84
N SER B 512 0.64 -1.93 -27.03
CA SER B 512 0.35 -3.35 -26.90
C SER B 512 -1.14 -3.68 -26.88
N LEU B 513 -1.80 -3.30 -25.79
CA LEU B 513 -3.23 -3.56 -25.63
C LEU B 513 -3.92 -2.56 -26.56
N PHE B 514 -5.13 -2.89 -26.98
CA PHE B 514 -5.89 -2.01 -27.86
C PHE B 514 -6.88 -1.14 -27.09
N LYS B 515 -7.68 -0.40 -27.85
CA LYS B 515 -8.76 0.48 -27.34
C LYS B 515 -9.04 1.60 -28.33
N GLN B 521 -5.31 6.73 -24.38
CA GLN B 521 -6.00 8.01 -24.53
C GLN B 521 -6.19 8.66 -23.17
N LEU B 522 -6.69 7.88 -22.22
CA LEU B 522 -6.88 8.33 -20.84
C LEU B 522 -6.18 7.41 -19.84
N PHE B 523 -5.15 6.70 -20.29
CA PHE B 523 -4.39 5.78 -19.46
C PHE B 523 -3.22 6.46 -18.75
N VAL B 524 -2.95 7.73 -19.05
CA VAL B 524 -1.68 8.35 -18.67
C VAL B 524 -1.47 8.24 -17.18
N GLY B 525 -0.34 7.65 -16.79
CA GLY B 525 -0.02 7.48 -15.38
C GLY B 525 0.28 6.03 -15.03
N LEU B 526 -0.60 5.13 -15.45
CA LEU B 526 -0.48 3.73 -15.07
C LEU B 526 0.95 3.24 -15.27
N LYS B 527 1.33 2.24 -14.48
CA LYS B 527 2.69 1.74 -14.46
C LYS B 527 2.81 0.50 -15.34
N VAL B 528 4.01 0.30 -15.89
CA VAL B 528 4.28 -0.79 -16.82
C VAL B 528 5.60 -1.45 -16.46
N HIS B 529 5.85 -2.60 -17.07
CA HIS B 529 7.06 -3.38 -16.83
C HIS B 529 7.40 -4.14 -18.10
N LEU B 530 8.69 -4.18 -18.41
CA LEU B 530 9.18 -4.74 -19.66
C LEU B 530 9.99 -6.00 -19.43
N SER B 531 10.20 -6.75 -20.52
CA SER B 531 10.96 -8.00 -20.49
C SER B 531 12.34 -7.79 -19.90
N THR B 532 12.79 -6.54 -19.81
CA THR B 532 14.11 -6.25 -19.26
C THR B 532 14.09 -6.12 -17.74
N GLY B 533 12.96 -5.77 -17.15
CA GLY B 533 12.87 -5.59 -15.72
C GLY B 533 13.07 -4.16 -15.29
N GLU B 534 12.51 -3.23 -16.06
CA GLU B 534 12.63 -1.80 -15.78
C GLU B 534 11.24 -1.21 -15.53
N LEU B 535 11.20 -0.24 -14.61
CA LEU B 535 9.97 0.48 -14.31
C LEU B 535 9.74 1.58 -15.31
N GLY B 536 8.46 1.83 -15.60
CA GLY B 536 8.12 2.84 -16.59
C GLY B 536 6.70 3.37 -16.45
N ILE B 537 6.53 4.64 -16.77
CA ILE B 537 5.22 5.28 -16.73
C ILE B 537 4.80 5.62 -18.15
N ILE B 538 3.51 5.54 -18.39
CA ILE B 538 2.96 5.82 -19.71
C ILE B 538 2.62 7.30 -19.78
N ASP B 539 2.79 7.87 -20.97
CA ASP B 539 2.45 9.27 -21.25
C ASP B 539 2.84 9.52 -22.70
N SER B 540 2.04 10.30 -23.42
CA SER B 540 2.26 10.52 -24.85
C SER B 540 1.00 11.01 -25.56
N SER B 545 -2.58 6.87 -36.41
CA SER B 545 -2.03 7.72 -35.36
C SER B 545 -1.80 6.94 -34.07
N GLY B 546 -1.26 5.72 -34.21
CA GLY B 546 -0.99 4.88 -33.07
C GLY B 546 0.15 5.40 -32.21
N LYS B 547 0.16 6.70 -31.99
CA LYS B 547 1.20 7.34 -31.18
C LYS B 547 1.37 6.62 -29.84
N PHE B 548 2.39 7.02 -29.09
CA PHE B 548 2.66 6.42 -27.80
C PHE B 548 3.96 6.95 -27.29
N LYS B 549 4.34 6.49 -26.11
CA LYS B 549 5.61 6.91 -25.57
C LYS B 549 5.57 6.29 -24.18
N ILE B 550 6.72 5.84 -23.69
CA ILE B 550 6.84 5.29 -22.35
C ILE B 550 8.03 6.07 -21.82
N HIS B 551 7.99 6.41 -20.54
CA HIS B 551 9.04 7.19 -19.91
C HIS B 551 9.75 6.36 -18.86
N ILE B 552 11.06 6.58 -18.72
CA ILE B 552 11.85 5.81 -17.77
C ILE B 552 12.78 6.71 -16.96
N PRO B 553 12.74 6.62 -15.63
CA PRO B 553 13.65 7.44 -14.82
C PRO B 553 14.99 6.95 -14.30
N GLY B 554 15.07 5.67 -13.90
CA GLY B 554 16.30 5.10 -13.37
C GLY B 554 17.19 4.91 -14.58
N GLY B 555 16.60 5.16 -15.74
CA GLY B 555 17.25 5.09 -17.04
C GLY B 555 16.98 3.83 -17.82
N LEU B 556 17.27 3.85 -19.12
CA LEU B 556 17.10 2.67 -19.97
C LEU B 556 18.04 1.67 -19.32
N SER B 557 17.90 0.37 -19.54
CA SER B 557 18.85 -0.42 -18.76
C SER B 557 20.20 -0.39 -19.47
N PRO B 558 21.21 -1.11 -19.00
CA PRO B 558 22.41 -1.31 -19.81
C PRO B 558 22.30 -2.46 -20.80
N GLU B 559 21.17 -3.16 -20.80
CA GLU B 559 20.88 -4.21 -21.76
C GLU B 559 20.01 -3.74 -22.91
N SER B 560 18.95 -2.98 -22.63
CA SER B 560 18.07 -2.51 -23.68
C SER B 560 18.77 -1.47 -24.56
N LYS B 561 19.73 -0.74 -24.00
CA LYS B 561 20.47 0.24 -24.80
C LYS B 561 21.17 -0.43 -25.97
N LYS B 562 21.71 -1.64 -25.77
CA LYS B 562 22.15 -2.43 -26.90
C LYS B 562 21.06 -2.46 -27.97
N ILE B 563 19.80 -2.57 -27.56
CA ILE B 563 18.67 -2.50 -28.46
C ILE B 563 18.20 -1.05 -28.51
N LEU B 564 19.14 -0.13 -28.69
CA LEU B 564 18.86 1.21 -29.14
C LEU B 564 19.09 1.27 -30.66
N THR B 565 19.35 2.45 -31.19
CA THR B 565 19.44 2.64 -32.62
C THR B 565 20.79 3.26 -32.97
N PRO B 566 20.93 3.98 -34.10
CA PRO B 566 22.22 4.62 -34.39
C PRO B 566 22.25 6.09 -33.98
N SER B 585 13.23 2.43 -37.14
CA SER B 585 14.66 2.30 -36.97
C SER B 585 15.00 1.64 -35.68
N ALA B 586 16.06 0.83 -35.66
CA ALA B 586 16.51 0.15 -34.46
C ALA B 586 17.90 -0.43 -34.69
N GLU B 587 18.28 -1.40 -33.88
CA GLU B 587 19.55 -2.08 -33.96
C GLU B 587 19.32 -3.34 -33.21
N ARG B 588 19.83 -4.44 -33.70
CA ARG B 588 19.62 -5.73 -33.06
C ARG B 588 18.24 -6.30 -33.40
N SER B 589 17.44 -5.60 -34.20
CA SER B 589 16.16 -6.19 -34.56
C SER B 589 15.06 -6.45 -33.49
N GLU B 590 14.89 -5.56 -32.49
CA GLU B 590 13.85 -5.68 -31.45
C GLU B 590 13.78 -7.01 -30.68
N PRO B 591 14.86 -7.50 -30.10
CA PRO B 591 14.75 -8.79 -29.41
C PRO B 591 13.70 -8.81 -28.31
N SER B 592 12.43 -8.68 -28.70
CA SER B 592 11.28 -8.99 -27.84
C SER B 592 10.89 -7.97 -26.76
N GLN B 593 10.67 -6.72 -27.16
CA GLN B 593 10.33 -5.66 -26.22
C GLN B 593 8.95 -5.79 -25.57
N HIS B 594 8.82 -6.78 -24.70
CA HIS B 594 7.56 -7.09 -24.04
C HIS B 594 7.28 -6.08 -22.93
N VAL B 595 6.16 -5.38 -23.03
CA VAL B 595 5.70 -4.43 -22.02
C VAL B 595 4.46 -5.01 -21.35
N VAL B 596 4.54 -5.21 -20.04
CA VAL B 596 3.47 -5.84 -19.26
C VAL B 596 2.81 -4.79 -18.39
N LEU B 597 1.48 -4.73 -18.42
CA LEU B 597 0.70 -3.78 -17.65
C LEU B 597 -0.06 -4.49 -16.54
N SER B 598 -0.40 -3.73 -15.49
CA SER B 598 -1.12 -4.29 -14.35
C SER B 598 -2.00 -3.21 -13.74
N LEU B 599 -3.31 -3.39 -13.81
CA LEU B 599 -4.27 -2.56 -13.10
C LEU B 599 -4.96 -3.38 -12.02
N THR B 600 -5.74 -2.66 -11.21
CA THR B 600 -6.62 -3.19 -10.18
C THR B 600 -7.99 -2.54 -10.47
N PHE B 601 -9.10 -3.29 -10.45
CA PHE B 601 -10.39 -2.71 -10.77
C PHE B 601 -11.27 -3.26 -9.66
N LYS B 602 -11.55 -2.38 -8.71
CA LYS B 602 -12.44 -2.67 -7.62
C LYS B 602 -13.66 -2.78 -8.51
N ARG B 603 -14.59 -3.63 -8.14
CA ARG B 603 -15.75 -3.87 -8.96
C ARG B 603 -16.82 -2.82 -9.16
N TYR B 604 -16.87 -1.81 -8.29
CA TYR B 604 -17.93 -0.82 -8.39
C TYR B 604 -17.48 0.63 -8.49
N VAL B 605 -16.30 0.96 -8.00
CA VAL B 605 -15.94 2.35 -8.10
C VAL B 605 -16.02 2.63 -9.57
N PHE B 606 -15.96 3.89 -9.97
CA PHE B 606 -16.02 4.20 -11.39
C PHE B 606 -14.83 3.80 -12.31
N ASP B 607 -13.58 4.00 -11.88
CA ASP B 607 -12.42 3.63 -12.69
C ASP B 607 -11.22 3.61 -11.76
N THR B 608 -10.10 2.93 -12.09
CA THR B 608 -8.98 2.94 -11.13
C THR B 608 -7.46 2.88 -11.42
N HIS B 609 -6.73 2.69 -10.32
CA HIS B 609 -5.28 2.67 -10.20
C HIS B 609 -4.77 1.29 -9.96
N LYS B 610 -3.49 1.21 -9.63
CA LYS B 610 -2.75 0.01 -9.27
C LYS B 610 -1.55 0.37 -8.43
N ARG B 611 -0.81 -0.63 -7.96
CA ARG B 611 0.38 -0.45 -7.12
C ARG B 611 0.71 -1.64 -6.24
#